data_3NC7
#
_entry.id   3NC7
#
_cell.length_a   64.360
_cell.length_b   106.790
_cell.length_c   142.090
_cell.angle_alpha   90.00
_cell.angle_beta   90.00
_cell.angle_gamma   90.00
#
_symmetry.space_group_name_H-M   'P 21 21 21'
#
loop_
_entity.id
_entity.type
_entity.pdbx_description
1 polymer 'Cytochrome P450 cypX'
2 non-polymer 'PROTOPORPHYRIN IX CONTAINING FE'
3 non-polymer 2-phenyl-1H-imidazole
4 non-polymer 'MAGNESIUM ION'
5 water water
#
_entity_poly.entity_id   1
_entity_poly.type   'polypeptide(L)'
_entity_poly.pdbx_seq_one_letter_code
;MGSSHHHHHHSSGLVPRGSHMASMTGGQQMGRGSEFMSQSIKLFSVLSDQFQNNPYAYFSQLREEDPVHYEESIDSYFIS
RYHDVRYILQHPDIFTTKSLVERAEPVMRGPVLAQMHGKEHSAKRRIVVRSFIGDALDHLSPLIKQNAENLLAPYLERGK
SDLVNDFGKTFAVCVTMDMLGLDKRDHEKISEWHSGVADFITSISQSPEARAHSLWCSEQLSQYLMPVIKERRVNPGSDL
ISILCTSEYEGMALSDKDILALILNVLLAATEPADKTLALMIYHLLNNPEQMNDVLADRSLVPRAIAETLRYKPPVQLIP
RQLSQDTVVGGMEIKKDTIVFCMIGAANRDPEAFEQPDVFNIHREDLGIKSAFSGAARHLAFGSGIHNCVGTAFAKNEIE
IVANIVLDKMRNIRLEEDFCYAESGLYTRGPVSLLVAFDGA
;
_entity_poly.pdbx_strand_id   A,B
#
loop_
_chem_comp.id
_chem_comp.type
_chem_comp.name
_chem_comp.formula
HEM non-polymer 'PROTOPORPHYRIN IX CONTAINING FE' 'C34 H32 Fe N4 O4'
MG non-polymer 'MAGNESIUM ION' 'Mg 2'
PIY non-polymer 2-phenyl-1H-imidazole 'C9 H8 N2'
#
# COMPACT_ATOMS: atom_id res chain seq x y z
N ILE A 41 12.26 -21.85 18.11
CA ILE A 41 11.38 -22.94 18.62
C ILE A 41 10.38 -23.47 17.56
N LYS A 42 10.70 -24.68 17.09
CA LYS A 42 9.82 -25.44 16.20
C LYS A 42 8.71 -26.16 17.01
N LEU A 43 8.88 -26.19 18.33
CA LEU A 43 7.92 -26.82 19.23
C LEU A 43 6.59 -26.05 19.37
N PHE A 44 6.59 -24.79 18.96
CA PHE A 44 5.40 -23.91 19.05
C PHE A 44 4.15 -24.40 18.30
N SER A 45 2.98 -24.19 18.89
CA SER A 45 1.70 -24.68 18.34
C SER A 45 0.90 -23.59 17.62
N VAL A 46 0.47 -23.87 16.39
CA VAL A 46 -0.31 -22.89 15.62
C VAL A 46 -1.83 -23.05 15.80
N LEU A 47 -2.22 -23.96 16.69
CA LEU A 47 -3.63 -24.13 17.09
C LEU A 47 -3.86 -23.59 18.49
N SER A 48 -2.80 -23.00 19.06
CA SER A 48 -2.79 -22.55 20.45
C SER A 48 -3.53 -21.24 20.61
N ASP A 49 -4.08 -21.04 21.81
CA ASP A 49 -4.78 -19.81 22.17
C ASP A 49 -3.90 -18.63 21.83
N GLN A 50 -2.62 -18.77 22.17
CA GLN A 50 -1.61 -17.73 21.97
C GLN A 50 -1.41 -17.36 20.50
N PHE A 51 -1.44 -18.36 19.63
CA PHE A 51 -1.36 -18.11 18.20
C PHE A 51 -2.60 -17.37 17.77
N GLN A 52 -3.74 -17.85 18.24
CA GLN A 52 -5.01 -17.37 17.75
C GLN A 52 -5.23 -15.90 18.12
N ASN A 53 -4.69 -15.48 19.26
CA ASN A 53 -4.84 -14.10 19.75
CA ASN A 53 -4.88 -14.11 19.73
C ASN A 53 -4.28 -13.06 18.79
N ASN A 54 -3.35 -13.49 17.94
CA ASN A 54 -2.71 -12.63 16.94
C ASN A 54 -1.73 -13.43 16.07
N PRO A 55 -2.23 -14.00 14.96
CA PRO A 55 -1.40 -14.81 14.06
C PRO A 55 -0.35 -14.00 13.31
N TYR A 56 -0.63 -12.73 13.02
CA TYR A 56 0.27 -11.90 12.22
C TYR A 56 1.59 -11.59 12.93
N ALA A 57 1.64 -11.88 14.24
CA ALA A 57 2.85 -11.71 15.03
C ALA A 57 3.85 -12.87 14.87
N TYR A 58 3.39 -13.98 14.29
CA TYR A 58 4.16 -15.21 14.29
C TYR A 58 4.48 -15.71 12.89
N PHE A 59 3.80 -15.20 11.86
CA PHE A 59 3.98 -15.69 10.48
C PHE A 59 5.41 -15.48 10.05
N SER A 60 5.90 -14.28 10.35
CA SER A 60 7.24 -13.88 9.99
C SER A 60 8.21 -14.99 10.36
N GLN A 61 8.13 -15.47 11.61
CA GLN A 61 9.02 -16.49 12.12
C GLN A 61 8.80 -17.89 11.51
N LEU A 62 7.55 -18.22 11.16
CA LEU A 62 7.27 -19.51 10.52
C LEU A 62 7.98 -19.61 9.17
N ARG A 63 7.75 -18.64 8.29
CA ARG A 63 8.57 -18.47 7.10
C ARG A 63 9.97 -18.18 7.61
N GLU A 64 10.99 -18.50 6.83
CA GLU A 64 12.37 -18.20 7.22
C GLU A 64 12.92 -19.11 8.35
N GLU A 65 12.07 -19.98 8.92
CA GLU A 65 12.53 -20.92 9.96
C GLU A 65 11.87 -22.30 9.96
N ASP A 66 10.53 -22.34 10.00
CA ASP A 66 9.78 -23.59 9.91
C ASP A 66 8.61 -23.45 8.93
N PRO A 67 8.92 -23.30 7.63
CA PRO A 67 7.93 -23.11 6.55
C PRO A 67 6.93 -24.25 6.42
N VAL A 68 7.43 -25.49 6.37
CA VAL A 68 6.59 -26.68 6.44
C VAL A 68 6.47 -27.07 7.92
N HIS A 69 5.62 -26.36 8.64
CA HIS A 69 5.51 -26.55 10.08
C HIS A 69 4.60 -27.74 10.40
N TYR A 70 5.16 -28.78 11.01
CA TYR A 70 4.38 -29.94 11.41
C TYR A 70 3.58 -29.69 12.68
N GLU A 71 2.29 -30.06 12.69
CA GLU A 71 1.47 -29.93 13.89
C GLU A 71 1.17 -31.29 14.50
N GLU A 72 1.70 -31.52 15.71
CA GLU A 72 1.76 -32.84 16.35
C GLU A 72 0.39 -33.39 16.75
N SER A 73 -0.62 -32.49 16.74
CA SER A 73 -1.98 -32.76 17.22
C SER A 73 -2.92 -33.47 16.25
N ILE A 74 -3.12 -32.88 15.09
CA ILE A 74 -3.71 -33.56 13.95
C ILE A 74 -2.48 -34.13 13.21
N ASP A 75 -2.68 -34.86 12.11
CA ASP A 75 -1.56 -35.30 11.27
C ASP A 75 -1.48 -34.42 10.03
N SER A 76 -0.98 -33.20 10.23
CA SER A 76 -1.10 -32.13 9.25
C SER A 76 0.09 -31.18 9.27
N TYR A 77 0.55 -30.81 8.09
CA TYR A 77 1.63 -29.87 7.95
C TYR A 77 1.05 -28.53 7.53
N PHE A 78 1.53 -27.45 8.13
CA PHE A 78 1.10 -26.11 7.82
C PHE A 78 2.18 -25.39 7.04
N ILE A 79 1.85 -25.00 5.82
CA ILE A 79 2.80 -24.37 4.91
C ILE A 79 2.59 -22.84 4.83
N SER A 80 3.66 -22.07 5.03
CA SER A 80 3.51 -20.64 5.27
C SER A 80 4.16 -19.72 4.25
N ARG A 81 4.91 -20.27 3.32
CA ARG A 81 5.64 -19.45 2.35
C ARG A 81 4.84 -19.25 1.06
N TYR A 82 4.84 -18.03 0.53
CA TYR A 82 4.03 -17.68 -0.65
C TYR A 82 4.20 -18.63 -1.85
N HIS A 83 5.41 -18.74 -2.37
CA HIS A 83 5.71 -19.62 -3.52
C HIS A 83 5.42 -21.08 -3.23
N ASP A 84 5.65 -21.49 -1.99
CA ASP A 84 5.36 -22.85 -1.57
C ASP A 84 3.87 -23.13 -1.59
N VAL A 85 3.09 -22.19 -1.04
CA VAL A 85 1.63 -22.25 -1.08
C VAL A 85 1.12 -22.21 -2.52
N ARG A 86 1.37 -21.10 -3.22
CA ARG A 86 0.88 -20.90 -4.60
C ARG A 86 1.07 -22.10 -5.54
N TYR A 87 2.24 -22.74 -5.49
CA TYR A 87 2.48 -23.97 -6.25
C TYR A 87 1.45 -25.06 -5.91
N ILE A 88 1.09 -25.16 -4.63
CA ILE A 88 0.11 -26.13 -4.16
C ILE A 88 -1.29 -25.84 -4.71
N LEU A 89 -1.71 -24.57 -4.60
CA LEU A 89 -2.99 -24.11 -5.13
C LEU A 89 -3.02 -24.09 -6.66
N GLN A 90 -1.85 -24.15 -7.28
CA GLN A 90 -1.78 -24.18 -8.73
C GLN A 90 -2.13 -25.57 -9.26
N HIS A 91 -1.63 -26.61 -8.57
CA HIS A 91 -1.67 -27.98 -9.09
C HIS A 91 -2.49 -28.94 -8.23
N PRO A 92 -3.79 -29.11 -8.55
CA PRO A 92 -4.69 -29.94 -7.76
C PRO A 92 -4.75 -31.40 -8.23
N ASP A 93 -3.84 -31.79 -9.13
CA ASP A 93 -3.65 -33.18 -9.50
C ASP A 93 -2.77 -33.87 -8.44
N ILE A 94 -1.76 -33.14 -7.97
CA ILE A 94 -0.86 -33.62 -6.91
C ILE A 94 -1.48 -33.32 -5.54
N PHE A 95 -1.96 -32.10 -5.36
CA PHE A 95 -2.57 -31.67 -4.11
C PHE A 95 -4.05 -31.54 -4.47
N THR A 96 -4.80 -32.62 -4.25
CA THR A 96 -6.21 -32.68 -4.60
C THR A 96 -7.00 -32.02 -3.49
N THR A 97 -8.02 -31.28 -3.91
CA THR A 97 -8.93 -30.63 -2.99
C THR A 97 -10.13 -31.54 -2.80
N LYS A 98 -11.08 -31.08 -2.00
CA LYS A 98 -12.32 -31.82 -1.84
C LYS A 98 -13.40 -31.18 -2.75
N SER A 99 -14.04 -32.04 -3.55
CA SER A 99 -14.92 -31.62 -4.65
C SER A 99 -16.16 -30.83 -4.25
N LEU A 100 -16.75 -30.15 -5.23
CA LEU A 100 -17.84 -29.20 -5.01
C LEU A 100 -19.25 -29.82 -4.94
N VAL A 101 -19.32 -31.10 -4.61
CA VAL A 101 -20.63 -31.74 -4.45
C VAL A 101 -20.75 -32.45 -3.11
N GLU A 102 -19.75 -33.25 -2.75
CA GLU A 102 -19.80 -33.93 -1.47
C GLU A 102 -19.90 -32.91 -0.33
N ARG A 103 -20.57 -33.32 0.74
CA ARG A 103 -20.69 -32.55 1.97
C ARG A 103 -19.39 -31.84 2.34
N ALA A 104 -19.48 -30.62 2.85
CA ALA A 104 -18.37 -30.09 3.61
C ALA A 104 -18.46 -31.07 4.78
N GLU A 105 -17.45 -31.93 4.90
CA GLU A 105 -17.47 -33.06 5.83
C GLU A 105 -16.88 -32.55 7.13
N PRO A 106 -17.03 -33.32 8.23
CA PRO A 106 -16.29 -33.09 9.48
C PRO A 106 -14.87 -32.58 9.14
N VAL A 107 -14.56 -31.35 9.56
CA VAL A 107 -13.24 -30.76 9.33
C VAL A 107 -12.81 -30.16 10.66
N ALA A 123 -16.67 -32.79 -11.82
CA ALA A 123 -15.33 -32.29 -12.04
C ALA A 123 -15.33 -30.84 -12.56
N LYS A 124 -16.24 -30.55 -13.49
CA LYS A 124 -16.25 -29.26 -14.20
C LYS A 124 -17.61 -28.57 -14.20
N ARG A 125 -18.36 -28.77 -13.11
CA ARG A 125 -19.53 -27.94 -12.85
C ARG A 125 -19.08 -26.56 -12.38
N ARG A 126 -17.80 -26.45 -12.03
CA ARG A 126 -17.19 -25.17 -11.70
C ARG A 126 -17.52 -24.22 -12.83
N ILE A 127 -17.06 -24.56 -14.02
CA ILE A 127 -17.40 -23.85 -15.25
C ILE A 127 -18.86 -23.44 -15.24
N VAL A 128 -19.71 -24.43 -15.02
CA VAL A 128 -21.16 -24.28 -15.06
C VAL A 128 -21.63 -23.30 -13.99
N VAL A 129 -21.20 -23.48 -12.75
CA VAL A 129 -21.59 -22.58 -11.64
C VAL A 129 -21.04 -21.17 -11.85
N ARG A 130 -19.82 -21.08 -12.36
CA ARG A 130 -19.14 -19.80 -12.58
C ARG A 130 -19.98 -18.83 -13.38
N SER A 131 -20.57 -19.31 -14.48
CA SER A 131 -21.42 -18.48 -15.32
C SER A 131 -22.84 -18.27 -14.75
N PHE A 132 -23.27 -19.16 -13.86
CA PHE A 132 -24.57 -19.00 -13.21
C PHE A 132 -24.54 -17.95 -12.13
N ILE A 133 -23.36 -17.71 -11.58
CA ILE A 133 -23.08 -16.55 -10.78
C ILE A 133 -22.85 -15.37 -11.74
N GLY A 134 -21.88 -15.53 -12.64
CA GLY A 134 -21.45 -14.47 -13.55
C GLY A 134 -22.54 -13.78 -14.36
N ASP A 135 -23.38 -14.58 -15.03
CA ASP A 135 -24.49 -14.05 -15.83
C ASP A 135 -25.56 -13.39 -14.95
N ALA A 136 -25.65 -13.84 -13.71
CA ALA A 136 -26.72 -13.43 -12.80
C ALA A 136 -26.40 -12.24 -11.92
N LEU A 137 -25.11 -12.00 -11.67
CA LEU A 137 -24.68 -10.96 -10.73
C LEU A 137 -25.18 -9.55 -11.07
N ASP A 138 -25.57 -9.33 -12.32
CA ASP A 138 -26.14 -8.04 -12.72
C ASP A 138 -27.67 -7.96 -12.55
N HIS A 139 -28.29 -9.10 -12.26
CA HIS A 139 -29.72 -9.15 -11.92
C HIS A 139 -29.95 -8.91 -10.44
N LEU A 140 -28.93 -9.25 -9.64
CA LEU A 140 -29.00 -9.14 -8.18
C LEU A 140 -28.47 -7.81 -7.69
N SER A 141 -27.91 -7.02 -8.61
CA SER A 141 -27.37 -5.70 -8.29
C SER A 141 -28.37 -4.77 -7.61
N PRO A 142 -29.64 -4.71 -8.07
CA PRO A 142 -30.58 -3.87 -7.32
C PRO A 142 -31.00 -4.48 -5.97
N LEU A 143 -30.90 -5.80 -5.83
CA LEU A 143 -31.31 -6.47 -4.60
C LEU A 143 -30.26 -6.40 -3.50
N ILE A 144 -29.01 -6.72 -3.83
CA ILE A 144 -27.88 -6.45 -2.93
C ILE A 144 -27.92 -5.00 -2.48
N LYS A 145 -28.35 -4.14 -3.40
CA LYS A 145 -28.43 -2.71 -3.17
C LYS A 145 -29.51 -2.38 -2.14
N GLN A 146 -30.73 -2.92 -2.35
CA GLN A 146 -31.83 -2.71 -1.41
C GLN A 146 -31.52 -3.36 -0.09
N ASN A 147 -30.93 -4.56 -0.12
CA ASN A 147 -30.55 -5.25 1.13
C ASN A 147 -29.77 -4.35 2.07
N ALA A 148 -28.69 -3.77 1.58
CA ALA A 148 -27.88 -2.87 2.37
C ALA A 148 -28.70 -1.72 2.93
N GLU A 149 -29.44 -1.04 2.05
CA GLU A 149 -30.22 0.12 2.43
C GLU A 149 -31.28 -0.20 3.47
N ASN A 150 -31.99 -1.30 3.27
CA ASN A 150 -33.02 -1.78 4.18
C ASN A 150 -32.46 -2.14 5.55
N LEU A 151 -31.32 -2.82 5.56
CA LEU A 151 -30.72 -3.29 6.78
C LEU A 151 -30.06 -2.18 7.59
N LEU A 152 -29.71 -1.09 6.92
CA LEU A 152 -29.04 0.03 7.56
C LEU A 152 -30.01 0.98 8.19
N ALA A 153 -31.21 1.10 7.60
CA ALA A 153 -32.22 2.10 7.99
C ALA A 153 -32.56 2.17 9.49
N PRO A 154 -32.64 0.99 10.16
CA PRO A 154 -32.86 1.00 11.60
C PRO A 154 -31.82 1.79 12.39
N TYR A 155 -30.56 1.74 11.95
CA TYR A 155 -29.46 2.29 12.73
C TYR A 155 -29.10 3.75 12.47
N LEU A 156 -29.54 4.31 11.35
CA LEU A 156 -29.42 5.74 11.13
C LEU A 156 -30.18 6.43 12.26
N GLU A 157 -29.99 7.74 12.41
CA GLU A 157 -30.61 8.51 13.49
C GLU A 157 -30.13 8.15 14.90
N ARG A 158 -30.22 6.89 15.29
CA ARG A 158 -29.52 6.41 16.50
C ARG A 158 -28.07 6.89 16.47
N GLY A 159 -27.51 6.93 15.26
CA GLY A 159 -26.18 7.52 14.99
C GLY A 159 -25.02 6.58 15.25
N LYS A 160 -25.33 5.31 15.46
CA LYS A 160 -24.32 4.32 15.83
C LYS A 160 -24.71 2.90 15.39
N SER A 161 -23.74 2.00 15.38
CA SER A 161 -23.96 0.61 14.97
C SER A 161 -22.74 -0.25 15.20
N ASP A 162 -22.98 -1.56 15.24
CA ASP A 162 -21.93 -2.55 15.24
C ASP A 162 -22.05 -3.26 13.91
N LEU A 163 -21.17 -2.89 12.98
CA LEU A 163 -21.26 -3.33 11.58
C LEU A 163 -21.21 -4.85 11.37
N VAL A 164 -20.76 -5.58 12.38
CA VAL A 164 -20.74 -7.03 12.30
C VAL A 164 -22.02 -7.65 12.87
N ASN A 165 -22.44 -7.16 14.03
CA ASN A 165 -23.55 -7.74 14.75
C ASN A 165 -24.88 -7.14 14.42
N ASP A 166 -24.91 -5.83 14.26
CA ASP A 166 -26.12 -5.16 13.83
C ASP A 166 -26.39 -5.30 12.35
N PHE A 167 -25.36 -5.52 11.54
CA PHE A 167 -25.54 -5.30 10.12
C PHE A 167 -25.03 -6.36 9.16
N GLY A 168 -23.75 -6.71 9.30
CA GLY A 168 -23.03 -7.57 8.36
C GLY A 168 -23.57 -8.98 8.22
N LYS A 169 -23.49 -9.77 9.29
CA LYS A 169 -23.94 -11.16 9.21
C LYS A 169 -25.30 -11.25 8.51
N THR A 170 -26.20 -10.33 8.84
CA THR A 170 -27.58 -10.32 8.34
C THR A 170 -27.67 -9.92 6.87
N PHE A 171 -26.79 -9.03 6.44
CA PHE A 171 -26.70 -8.61 5.04
C PHE A 171 -26.15 -9.72 4.16
N ALA A 172 -24.99 -10.27 4.53
CA ALA A 172 -24.37 -11.37 3.79
C ALA A 172 -25.35 -12.52 3.57
N VAL A 173 -26.10 -12.89 4.60
CA VAL A 173 -27.12 -13.94 4.50
C VAL A 173 -28.21 -13.61 3.47
N CYS A 174 -28.75 -12.38 3.51
CA CYS A 174 -29.80 -12.00 2.58
C CYS A 174 -29.35 -12.00 1.14
N VAL A 175 -28.10 -11.62 0.88
CA VAL A 175 -27.55 -11.72 -0.47
C VAL A 175 -27.57 -13.16 -0.93
N THR A 176 -26.87 -14.03 -0.20
CA THR A 176 -26.84 -15.46 -0.52
C THR A 176 -28.25 -16.02 -0.75
N MET A 177 -29.22 -15.53 0.00
CA MET A 177 -30.60 -15.99 -0.15
C MET A 177 -31.27 -15.55 -1.47
N ASP A 178 -30.92 -14.37 -1.98
CA ASP A 178 -31.44 -13.91 -3.28
C ASP A 178 -30.81 -14.67 -4.43
N MET A 179 -29.55 -15.07 -4.21
CA MET A 179 -28.78 -15.85 -5.16
C MET A 179 -29.34 -17.25 -5.23
N LEU A 180 -29.77 -17.79 -4.08
CA LEU A 180 -30.49 -19.07 -4.00
C LEU A 180 -32.02 -18.94 -4.21
N GLY A 181 -32.53 -17.72 -4.10
CA GLY A 181 -33.93 -17.46 -4.39
C GLY A 181 -34.86 -17.85 -3.26
N LEU A 182 -34.33 -18.04 -2.07
CA LEU A 182 -35.16 -18.37 -0.90
C LEU A 182 -35.85 -17.11 -0.39
N ASP A 183 -36.87 -17.31 0.45
CA ASP A 183 -37.71 -16.21 0.95
C ASP A 183 -37.00 -15.43 2.03
N LYS A 184 -36.75 -14.15 1.77
CA LYS A 184 -35.90 -13.33 2.63
C LYS A 184 -36.47 -13.05 4.04
N ARG A 185 -37.75 -13.37 4.25
CA ARG A 185 -38.40 -13.32 5.57
C ARG A 185 -37.76 -14.29 6.57
N ASP A 186 -37.21 -15.38 6.05
CA ASP A 186 -36.67 -16.43 6.89
C ASP A 186 -35.20 -16.21 7.24
N HIS A 187 -34.69 -15.00 7.03
CA HIS A 187 -33.25 -14.76 7.15
C HIS A 187 -32.66 -15.11 8.53
N GLU A 188 -33.47 -14.95 9.59
CA GLU A 188 -33.05 -15.29 10.97
C GLU A 188 -32.84 -16.81 11.15
N LYS A 189 -33.87 -17.60 10.82
CA LYS A 189 -33.75 -19.06 10.81
C LYS A 189 -32.41 -19.44 10.18
N ILE A 190 -32.13 -18.85 9.03
CA ILE A 190 -31.04 -19.29 8.20
C ILE A 190 -29.69 -18.89 8.76
N SER A 191 -29.54 -17.65 9.21
CA SER A 191 -28.25 -17.19 9.73
C SER A 191 -27.87 -18.13 10.87
N GLU A 192 -28.87 -18.48 11.67
CA GLU A 192 -28.69 -19.36 12.79
C GLU A 192 -28.14 -20.73 12.34
N TRP A 193 -28.92 -21.44 11.53
CA TRP A 193 -28.51 -22.75 11.01
C TRP A 193 -27.18 -22.69 10.27
N HIS A 194 -27.01 -21.62 9.52
CA HIS A 194 -25.79 -21.41 8.77
C HIS A 194 -24.54 -21.35 9.67
N SER A 195 -24.68 -20.76 10.85
CA SER A 195 -23.56 -20.69 11.78
C SER A 195 -23.31 -22.05 12.36
N GLY A 196 -24.41 -22.72 12.74
CA GLY A 196 -24.39 -24.02 13.40
C GLY A 196 -23.60 -25.04 12.63
N VAL A 197 -23.65 -24.96 11.31
CA VAL A 197 -22.85 -25.84 10.49
C VAL A 197 -21.47 -25.23 10.29
N ALA A 198 -21.41 -23.93 10.02
CA ALA A 198 -20.15 -23.23 9.90
C ALA A 198 -19.23 -23.72 11.00
N ASP A 199 -19.77 -23.77 12.22
CA ASP A 199 -19.06 -24.29 13.38
C ASP A 199 -18.51 -25.69 13.19
N PHE A 200 -19.37 -26.63 12.82
CA PHE A 200 -18.94 -28.00 12.63
C PHE A 200 -17.65 -28.02 11.86
N ILE A 201 -17.57 -27.13 10.89
CA ILE A 201 -16.43 -27.02 10.01
C ILE A 201 -15.28 -26.22 10.63
N THR A 202 -15.51 -24.95 10.96
CA THR A 202 -14.46 -24.03 11.47
C THR A 202 -13.70 -24.55 12.68
N SER A 203 -14.44 -25.20 13.59
CA SER A 203 -13.92 -25.64 14.91
C SER A 203 -12.89 -26.78 14.89
N ILE A 204 -11.89 -26.65 15.76
CA ILE A 204 -10.87 -27.70 15.97
C ILE A 204 -11.50 -28.89 16.68
N SER A 205 -12.24 -28.59 17.76
CA SER A 205 -13.07 -29.56 18.48
C SER A 205 -14.29 -28.84 19.06
N GLN A 206 -15.30 -29.61 19.47
CA GLN A 206 -16.58 -29.07 19.88
C GLN A 206 -17.09 -29.71 21.15
N SER A 207 -17.93 -29.00 21.89
CA SER A 207 -18.63 -29.60 23.04
C SER A 207 -19.73 -30.55 22.56
N PRO A 208 -20.16 -31.47 23.42
CA PRO A 208 -21.19 -32.37 22.94
C PRO A 208 -22.52 -31.65 22.74
N GLU A 209 -22.64 -30.47 23.33
CA GLU A 209 -23.81 -29.59 23.11
C GLU A 209 -23.77 -28.93 21.73
N ALA A 210 -22.62 -28.36 21.38
CA ALA A 210 -22.42 -27.70 20.11
C ALA A 210 -22.54 -28.68 18.95
N ARG A 211 -21.85 -29.81 19.07
CA ARG A 211 -21.85 -30.86 18.05
C ARG A 211 -23.26 -31.34 17.76
N ALA A 212 -24.07 -31.42 18.81
CA ALA A 212 -25.45 -31.79 18.73
C ALA A 212 -26.22 -30.69 18.01
N HIS A 213 -25.98 -29.45 18.44
CA HIS A 213 -26.62 -28.29 17.83
C HIS A 213 -26.29 -28.12 16.35
N SER A 214 -25.05 -28.37 15.98
CA SER A 214 -24.60 -28.30 14.57
C SER A 214 -25.27 -29.36 13.70
N LEU A 215 -25.46 -30.55 14.27
CA LEU A 215 -26.09 -31.64 13.57
C LEU A 215 -27.55 -31.29 13.31
N TRP A 216 -28.17 -30.67 14.30
CA TRP A 216 -29.57 -30.25 14.21
C TRP A 216 -29.75 -29.23 13.10
N CYS A 217 -28.82 -28.29 13.00
CA CYS A 217 -28.84 -27.26 11.98
C CYS A 217 -28.82 -27.84 10.56
N SER A 218 -27.96 -28.84 10.32
CA SER A 218 -27.86 -29.47 9.00
C SER A 218 -29.17 -30.17 8.68
N GLU A 219 -29.72 -30.83 9.69
CA GLU A 219 -31.00 -31.51 9.60
C GLU A 219 -32.06 -30.48 9.24
N GLN A 220 -32.01 -29.35 9.93
CA GLN A 220 -32.94 -28.26 9.72
C GLN A 220 -32.82 -27.68 8.34
N LEU A 221 -31.58 -27.47 7.93
CA LEU A 221 -31.25 -26.92 6.63
C LEU A 221 -31.72 -27.77 5.48
N SER A 222 -31.45 -29.08 5.60
CA SER A 222 -31.85 -30.06 4.58
C SER A 222 -33.35 -30.09 4.36
N GLN A 223 -34.10 -30.23 5.43
CA GLN A 223 -35.55 -30.36 5.31
C GLN A 223 -36.23 -29.06 4.87
N TYR A 224 -35.49 -27.95 4.93
CA TYR A 224 -35.99 -26.67 4.44
C TYR A 224 -35.76 -26.54 2.95
N LEU A 225 -34.53 -26.82 2.52
CA LEU A 225 -34.16 -26.65 1.11
C LEU A 225 -34.72 -27.71 0.15
N MET A 226 -34.81 -28.96 0.61
CA MET A 226 -35.12 -30.11 -0.24
C MET A 226 -36.48 -30.02 -0.95
N PRO A 227 -37.56 -29.63 -0.21
CA PRO A 227 -38.84 -29.43 -0.89
C PRO A 227 -38.75 -28.34 -1.94
N VAL A 228 -38.02 -27.28 -1.62
CA VAL A 228 -37.75 -26.17 -2.52
C VAL A 228 -36.96 -26.66 -3.75
N ILE A 229 -36.17 -27.72 -3.59
CA ILE A 229 -35.44 -28.29 -4.74
C ILE A 229 -36.37 -28.98 -5.74
N LYS A 230 -37.30 -29.78 -5.23
CA LYS A 230 -38.30 -30.48 -6.05
C LYS A 230 -39.30 -29.51 -6.69
N GLU A 231 -39.75 -28.51 -5.93
CA GLU A 231 -40.66 -27.49 -6.45
C GLU A 231 -40.12 -26.85 -7.73
N ARG A 232 -38.80 -26.66 -7.79
CA ARG A 232 -38.19 -25.96 -8.92
C ARG A 232 -37.66 -26.87 -10.01
N ARG A 233 -37.44 -28.13 -9.65
CA ARG A 233 -37.09 -29.18 -10.58
C ARG A 233 -38.18 -29.29 -11.65
N VAL A 234 -39.42 -29.08 -11.21
CA VAL A 234 -40.60 -29.14 -12.07
C VAL A 234 -41.10 -27.75 -12.49
N ASN A 235 -41.07 -26.77 -11.58
CA ASN A 235 -41.35 -25.39 -11.95
C ASN A 235 -40.16 -24.48 -11.65
N PRO A 236 -39.23 -24.38 -12.61
CA PRO A 236 -38.04 -23.54 -12.50
C PRO A 236 -38.38 -22.07 -12.31
N GLY A 237 -37.62 -21.42 -11.44
CA GLY A 237 -37.62 -19.97 -11.35
C GLY A 237 -36.43 -19.46 -12.13
N SER A 238 -35.96 -18.27 -11.80
CA SER A 238 -34.77 -17.72 -12.45
C SER A 238 -33.68 -17.44 -11.42
N ASP A 239 -33.59 -18.33 -10.43
CA ASP A 239 -32.59 -18.27 -9.35
C ASP A 239 -31.58 -19.40 -9.58
N LEU A 240 -30.55 -19.50 -8.73
CA LEU A 240 -29.55 -20.54 -8.89
C LEU A 240 -30.09 -21.97 -8.71
N ILE A 241 -30.81 -22.21 -7.62
CA ILE A 241 -31.39 -23.54 -7.38
C ILE A 241 -32.17 -23.95 -8.62
N SER A 242 -32.94 -23.00 -9.15
CA SER A 242 -33.76 -23.25 -10.35
C SER A 242 -32.95 -23.72 -11.56
N ILE A 243 -31.76 -23.13 -11.73
CA ILE A 243 -30.85 -23.49 -12.82
C ILE A 243 -30.15 -24.84 -12.55
N LEU A 244 -29.74 -25.09 -11.31
CA LEU A 244 -29.09 -26.34 -10.95
C LEU A 244 -29.86 -27.54 -11.45
N CYS A 245 -31.18 -27.40 -11.53
CA CYS A 245 -32.04 -28.45 -12.07
C CYS A 245 -32.32 -28.37 -13.59
N THR A 246 -31.41 -27.76 -14.35
CA THR A 246 -31.52 -27.67 -15.83
C THR A 246 -30.26 -28.02 -16.66
N SER A 247 -30.46 -28.96 -17.60
CA SER A 247 -29.44 -29.47 -18.54
C SER A 247 -28.02 -29.59 -17.98
N ALA A 253 -28.45 -33.66 -15.88
CA ALA A 253 -27.10 -33.86 -15.36
C ALA A 253 -27.10 -34.29 -13.88
N LEU A 254 -27.66 -33.43 -13.02
CA LEU A 254 -27.59 -33.60 -11.56
C LEU A 254 -28.82 -34.21 -10.88
N SER A 255 -28.59 -34.87 -9.76
CA SER A 255 -29.65 -35.52 -9.00
C SER A 255 -30.08 -34.64 -7.83
N ASP A 256 -31.15 -35.06 -7.15
CA ASP A 256 -31.74 -34.28 -6.05
C ASP A 256 -30.78 -34.09 -4.87
N LYS A 257 -30.31 -35.19 -4.29
CA LYS A 257 -29.46 -35.15 -3.11
C LYS A 257 -28.09 -34.53 -3.38
N ASP A 258 -27.67 -34.58 -4.65
CA ASP A 258 -26.44 -33.90 -5.09
C ASP A 258 -26.64 -32.39 -5.19
N ILE A 259 -27.76 -31.98 -5.78
CA ILE A 259 -28.07 -30.55 -5.88
C ILE A 259 -28.18 -29.92 -4.50
N LEU A 260 -28.63 -30.68 -3.51
CA LEU A 260 -28.67 -30.19 -2.13
C LEU A 260 -27.26 -29.92 -1.57
N ALA A 261 -26.40 -30.92 -1.63
CA ALA A 261 -25.04 -30.79 -1.11
C ALA A 261 -24.25 -29.68 -1.81
N LEU A 262 -24.67 -29.32 -3.03
CA LEU A 262 -24.07 -28.19 -3.76
C LEU A 262 -24.57 -26.86 -3.22
N ILE A 263 -25.90 -26.70 -3.12
CA ILE A 263 -26.54 -25.55 -2.50
C ILE A 263 -25.92 -25.29 -1.12
N LEU A 264 -25.82 -26.35 -0.32
CA LEU A 264 -25.23 -26.29 1.00
C LEU A 264 -23.80 -25.75 0.97
N ASN A 265 -23.06 -26.09 -0.07
CA ASN A 265 -21.69 -25.63 -0.15
C ASN A 265 -21.56 -24.21 -0.63
N VAL A 266 -22.42 -23.81 -1.57
CA VAL A 266 -22.49 -22.41 -2.03
C VAL A 266 -22.99 -21.49 -0.91
N LEU A 267 -23.97 -21.94 -0.13
CA LEU A 267 -24.46 -21.20 1.05
C LEU A 267 -23.33 -20.93 2.04
N LEU A 268 -22.60 -21.98 2.40
CA LEU A 268 -21.45 -21.85 3.29
C LEU A 268 -20.40 -20.92 2.70
N ALA A 269 -20.21 -21.04 1.40
CA ALA A 269 -19.16 -20.31 0.72
C ALA A 269 -19.43 -18.81 0.50
N ALA A 270 -20.61 -18.46 -0.01
CA ALA A 270 -20.88 -17.07 -0.33
C ALA A 270 -21.11 -16.21 0.91
N THR A 271 -21.41 -16.85 2.04
CA THR A 271 -21.88 -16.14 3.24
C THR A 271 -20.84 -15.62 4.25
N GLU A 272 -20.02 -16.50 4.80
CA GLU A 272 -19.13 -16.14 5.90
C GLU A 272 -18.06 -15.11 5.47
N PRO A 273 -17.30 -15.40 4.39
CA PRO A 273 -16.22 -14.50 3.96
C PRO A 273 -16.68 -13.10 3.58
N ALA A 274 -17.87 -12.99 2.99
CA ALA A 274 -18.43 -11.69 2.61
C ALA A 274 -18.55 -10.76 3.81
N ASP A 275 -19.33 -11.18 4.80
CA ASP A 275 -19.36 -10.53 6.11
C ASP A 275 -18.03 -9.88 6.43
N LYS A 276 -17.05 -10.76 6.61
CA LYS A 276 -15.79 -10.45 7.28
C LYS A 276 -14.99 -9.44 6.50
N THR A 277 -15.03 -9.57 5.18
CA THR A 277 -14.32 -8.65 4.31
C THR A 277 -14.80 -7.22 4.48
N LEU A 278 -16.11 -6.99 4.37
CA LEU A 278 -16.64 -5.63 4.52
C LEU A 278 -16.25 -4.98 5.85
N ALA A 279 -16.21 -5.79 6.91
CA ALA A 279 -15.89 -5.27 8.22
C ALA A 279 -14.41 -4.99 8.33
N LEU A 280 -13.58 -5.90 7.82
CA LEU A 280 -12.13 -5.73 7.89
C LEU A 280 -11.68 -4.49 7.14
N MET A 281 -12.42 -4.16 6.08
CA MET A 281 -12.15 -3.02 5.24
C MET A 281 -12.51 -1.78 6.00
N ILE A 282 -13.76 -1.68 6.42
CA ILE A 282 -14.15 -0.51 7.14
C ILE A 282 -13.15 -0.23 8.26
N TYR A 283 -12.72 -1.27 8.96
CA TYR A 283 -11.79 -1.07 10.08
C TYR A 283 -10.40 -0.63 9.66
N HIS A 284 -9.87 -1.16 8.57
CA HIS A 284 -8.56 -0.75 8.14
C HIS A 284 -8.55 0.57 7.41
N LEU A 285 -9.71 0.97 6.89
CA LEU A 285 -9.86 2.30 6.30
C LEU A 285 -10.00 3.40 7.33
N LEU A 286 -10.64 3.10 8.45
CA LEU A 286 -10.78 4.08 9.54
C LEU A 286 -9.51 4.16 10.37
N ASN A 287 -8.71 3.11 10.30
CA ASN A 287 -7.44 3.07 11.00
C ASN A 287 -6.32 3.80 10.26
N ASN A 288 -6.55 4.06 8.97
CA ASN A 288 -5.74 4.97 8.17
C ASN A 288 -6.63 6.05 7.58
N PRO A 289 -7.06 6.99 8.45
CA PRO A 289 -8.07 7.99 8.19
C PRO A 289 -7.83 8.76 6.90
N GLU A 290 -6.58 8.83 6.48
CA GLU A 290 -6.21 9.55 5.28
C GLU A 290 -6.47 8.76 4.02
N GLN A 291 -6.48 7.43 4.15
CA GLN A 291 -6.80 6.55 3.05
C GLN A 291 -8.31 6.45 2.96
N MET A 292 -8.98 6.57 4.11
CA MET A 292 -10.44 6.63 4.16
C MET A 292 -10.97 7.82 3.40
N ASN A 293 -10.30 8.97 3.58
CA ASN A 293 -10.65 10.16 2.86
C ASN A 293 -10.36 9.99 1.37
N ASP A 294 -9.31 9.23 1.06
CA ASP A 294 -8.96 8.90 -0.32
C ASP A 294 -10.11 8.19 -1.02
N VAL A 295 -10.71 7.24 -0.34
CA VAL A 295 -11.85 6.49 -0.87
C VAL A 295 -13.13 7.34 -0.92
N LEU A 296 -13.31 8.22 0.06
CA LEU A 296 -14.50 9.05 0.09
C LEU A 296 -14.59 9.96 -1.12
N ALA A 297 -13.42 10.48 -1.53
CA ALA A 297 -13.32 11.39 -2.66
C ALA A 297 -13.46 10.67 -3.99
N ASP A 298 -12.57 9.73 -4.27
CA ASP A 298 -12.67 8.94 -5.48
C ASP A 298 -13.10 7.54 -5.17
N ARG A 299 -14.36 7.24 -5.51
CA ARG A 299 -15.01 5.96 -5.19
C ARG A 299 -14.51 4.79 -6.01
N SER A 300 -13.97 5.08 -7.19
CA SER A 300 -13.39 4.04 -8.03
C SER A 300 -12.30 3.29 -7.26
N LEU A 301 -11.87 3.84 -6.14
CA LEU A 301 -10.83 3.23 -5.33
C LEU A 301 -11.32 2.01 -4.57
N VAL A 302 -12.65 1.85 -4.48
CA VAL A 302 -13.24 0.83 -3.58
C VAL A 302 -12.63 -0.56 -3.77
N PRO A 303 -12.55 -1.03 -5.03
CA PRO A 303 -11.98 -2.34 -5.33
C PRO A 303 -10.57 -2.56 -4.77
N ARG A 304 -9.72 -1.55 -4.83
CA ARG A 304 -8.37 -1.67 -4.30
C ARG A 304 -8.46 -1.87 -2.79
N ALA A 305 -9.35 -1.11 -2.17
CA ALA A 305 -9.56 -1.21 -0.74
C ALA A 305 -10.07 -2.61 -0.41
N ILE A 306 -11.02 -3.10 -1.20
CA ILE A 306 -11.43 -4.49 -1.07
C ILE A 306 -10.17 -5.36 -1.20
N ALA A 307 -9.49 -5.24 -2.33
CA ALA A 307 -8.30 -6.05 -2.61
C ALA A 307 -7.24 -5.97 -1.52
N GLU A 308 -6.81 -4.76 -1.18
CA GLU A 308 -5.74 -4.63 -0.21
C GLU A 308 -6.15 -5.20 1.14
N THR A 309 -7.42 -5.03 1.53
CA THR A 309 -7.94 -5.69 2.75
C THR A 309 -7.87 -7.21 2.64
N LEU A 310 -8.08 -7.71 1.41
CA LEU A 310 -7.99 -9.14 1.15
C LEU A 310 -6.59 -9.67 1.36
N ARG A 311 -5.59 -8.96 0.81
CA ARG A 311 -4.22 -9.39 1.00
C ARG A 311 -3.86 -9.24 2.44
N TYR A 312 -4.26 -8.11 3.01
CA TYR A 312 -3.82 -7.76 4.34
C TYR A 312 -4.33 -8.78 5.37
N LYS A 313 -5.64 -8.86 5.50
CA LYS A 313 -6.24 -9.70 6.52
C LYS A 313 -7.25 -10.66 5.89
N PRO A 314 -6.77 -11.67 5.15
CA PRO A 314 -7.64 -12.60 4.43
C PRO A 314 -8.66 -13.27 5.34
N PRO A 315 -9.95 -13.20 4.97
CA PRO A 315 -11.02 -13.76 5.77
C PRO A 315 -10.82 -15.26 5.94
N VAL A 316 -10.63 -15.98 4.83
CA VAL A 316 -10.26 -17.38 4.91
C VAL A 316 -8.76 -17.43 5.16
N GLN A 317 -8.37 -18.05 6.27
CA GLN A 317 -6.98 -18.05 6.74
C GLN A 317 -6.19 -19.31 6.39
N LEU A 318 -6.87 -20.46 6.34
CA LEU A 318 -6.23 -21.69 5.92
C LEU A 318 -6.96 -22.31 4.73
N ILE A 319 -6.19 -22.91 3.82
CA ILE A 319 -6.74 -23.74 2.77
C ILE A 319 -6.13 -25.14 2.87
N PRO A 320 -6.97 -26.17 2.97
CA PRO A 320 -6.42 -27.50 3.09
C PRO A 320 -6.33 -28.19 1.75
N ARG A 321 -5.51 -29.24 1.68
CA ARG A 321 -5.43 -30.12 0.53
C ARG A 321 -5.05 -31.54 0.97
N GLN A 322 -5.63 -32.54 0.30
CA GLN A 322 -5.24 -33.93 0.48
C GLN A 322 -4.03 -34.20 -0.41
N LEU A 323 -3.13 -35.08 0.02
CA LEU A 323 -1.97 -35.43 -0.78
C LEU A 323 -2.07 -36.75 -1.53
N SER A 324 -1.95 -36.68 -2.86
CA SER A 324 -2.05 -37.85 -3.73
C SER A 324 -0.94 -38.85 -3.45
N GLN A 325 0.23 -38.59 -4.02
CA GLN A 325 1.38 -39.47 -3.85
C GLN A 325 2.28 -38.97 -2.73
N ASP A 326 3.53 -39.42 -2.74
CA ASP A 326 4.56 -38.89 -1.85
C ASP A 326 5.26 -37.76 -2.62
N THR A 327 5.24 -36.55 -2.06
CA THR A 327 5.77 -35.37 -2.75
C THR A 327 6.47 -34.37 -1.82
N VAL A 328 7.47 -33.67 -2.35
CA VAL A 328 8.23 -32.68 -1.59
C VAL A 328 7.72 -31.26 -1.90
N VAL A 329 7.54 -30.45 -0.86
CA VAL A 329 7.32 -29.02 -1.01
C VAL A 329 8.23 -28.34 0.01
N GLY A 330 8.91 -27.29 -0.42
CA GLY A 330 9.97 -26.67 0.40
C GLY A 330 11.08 -27.67 0.71
N GLY A 331 11.76 -27.48 1.84
CA GLY A 331 12.85 -28.36 2.23
C GLY A 331 12.41 -29.75 2.68
N MET A 332 11.15 -29.86 3.09
CA MET A 332 10.61 -31.08 3.70
C MET A 332 9.89 -32.03 2.72
N GLU A 333 10.26 -33.30 2.79
CA GLU A 333 9.53 -34.38 2.11
C GLU A 333 8.39 -34.91 3.00
N ILE A 334 7.21 -35.07 2.38
CA ILE A 334 5.99 -35.52 3.08
C ILE A 334 5.65 -36.96 2.70
N LYS A 335 4.47 -37.44 3.12
CA LYS A 335 4.00 -38.79 2.79
C LYS A 335 2.51 -38.84 2.40
N LYS A 336 2.07 -39.99 1.88
CA LYS A 336 0.73 -40.17 1.30
C LYS A 336 -0.45 -39.82 2.21
N ASP A 337 -1.56 -39.44 1.58
CA ASP A 337 -2.87 -39.26 2.24
C ASP A 337 -2.90 -38.17 3.30
N THR A 338 -1.87 -37.35 3.34
CA THR A 338 -1.72 -36.36 4.40
C THR A 338 -2.34 -35.00 4.04
N ILE A 339 -3.04 -34.39 5.00
CA ILE A 339 -3.62 -33.06 4.82
C ILE A 339 -2.63 -31.93 5.18
N VAL A 340 -2.33 -31.09 4.21
CA VAL A 340 -1.45 -29.94 4.45
C VAL A 340 -2.23 -28.64 4.38
N PHE A 341 -1.88 -27.69 5.24
CA PHE A 341 -2.61 -26.45 5.34
C PHE A 341 -1.84 -25.27 4.82
N CYS A 342 -2.41 -24.63 3.82
CA CYS A 342 -1.89 -23.39 3.32
C CYS A 342 -2.24 -22.30 4.32
N MET A 343 -1.24 -21.52 4.71
CA MET A 343 -1.40 -20.40 5.61
C MET A 343 -1.43 -19.09 4.83
N ILE A 344 -2.62 -18.73 4.37
CA ILE A 344 -2.83 -17.60 3.48
C ILE A 344 -2.33 -16.28 4.06
N GLY A 345 -2.69 -16.02 5.31
CA GLY A 345 -2.22 -14.82 5.98
C GLY A 345 -0.72 -14.68 5.86
N ALA A 346 -0.01 -15.77 6.15
CA ALA A 346 1.45 -15.84 6.13
C ALA A 346 2.00 -15.51 4.74
N ALA A 347 1.31 -15.99 3.71
CA ALA A 347 1.74 -15.83 2.33
C ALA A 347 1.55 -14.42 1.84
N ASN A 348 0.43 -13.80 2.18
CA ASN A 348 0.18 -12.43 1.77
C ASN A 348 1.04 -11.40 2.53
N ARG A 349 1.80 -11.88 3.51
CA ARG A 349 2.71 -11.06 4.30
C ARG A 349 4.19 -11.43 4.04
N ASP A 350 4.42 -12.33 3.10
CA ASP A 350 5.77 -12.70 2.70
C ASP A 350 6.38 -11.56 1.90
N PRO A 351 7.54 -11.05 2.37
CA PRO A 351 8.24 -10.00 1.65
C PRO A 351 8.50 -10.41 0.22
N GLU A 352 8.73 -11.71 0.00
CA GLU A 352 9.05 -12.29 -1.31
C GLU A 352 8.03 -11.95 -2.40
N ALA A 353 6.77 -11.76 -2.01
CA ALA A 353 5.71 -11.43 -2.95
C ALA A 353 5.29 -9.97 -2.86
N PHE A 354 5.27 -9.40 -1.66
CA PHE A 354 4.95 -7.99 -1.55
C PHE A 354 5.99 -7.26 -0.72
N GLU A 355 6.47 -6.13 -1.24
CA GLU A 355 7.36 -5.25 -0.49
C GLU A 355 6.52 -4.46 0.54
N GLN A 356 7.16 -4.10 1.66
CA GLN A 356 6.46 -3.49 2.82
C GLN A 356 5.16 -4.23 3.15
N PRO A 357 5.26 -5.55 3.38
CA PRO A 357 4.06 -6.38 3.32
C PRO A 357 3.12 -6.19 4.51
N ASP A 358 3.62 -5.66 5.62
CA ASP A 358 2.80 -5.46 6.81
C ASP A 358 2.31 -4.02 6.90
N VAL A 359 2.07 -3.42 5.74
CA VAL A 359 1.54 -2.08 5.67
C VAL A 359 0.25 -2.09 4.86
N PHE A 360 -0.85 -1.70 5.50
CA PHE A 360 -2.08 -1.53 4.75
C PHE A 360 -1.94 -0.30 3.87
N ASN A 361 -1.96 -0.55 2.56
CA ASN A 361 -1.80 0.49 1.56
C ASN A 361 -2.63 0.21 0.31
N ILE A 362 -3.76 0.89 0.17
CA ILE A 362 -4.68 0.66 -0.96
C ILE A 362 -4.03 1.07 -2.26
N HIS A 363 -3.02 1.92 -2.16
CA HIS A 363 -2.36 2.49 -3.31
C HIS A 363 -1.11 1.71 -3.74
N ARG A 364 -0.84 0.58 -3.10
CA ARG A 364 0.38 -0.18 -3.40
C ARG A 364 0.41 -0.63 -4.86
N GLU A 365 1.55 -0.37 -5.50
CA GLU A 365 1.74 -0.63 -6.93
C GLU A 365 1.87 -2.12 -7.26
N ASP A 366 2.19 -2.92 -6.24
CA ASP A 366 2.36 -4.37 -6.42
C ASP A 366 1.11 -5.18 -6.03
N LEU A 367 -0.04 -4.52 -6.04
CA LEU A 367 -1.28 -5.23 -5.78
C LEU A 367 -1.84 -5.75 -7.09
N GLY A 368 -2.13 -4.83 -8.01
CA GLY A 368 -2.61 -5.16 -9.35
C GLY A 368 -4.10 -5.43 -9.48
N ILE A 369 -4.91 -4.37 -9.32
CA ILE A 369 -6.39 -4.47 -9.36
C ILE A 369 -6.93 -5.07 -10.65
N LYS A 370 -6.17 -4.89 -11.73
CA LYS A 370 -6.51 -5.46 -13.03
C LYS A 370 -6.85 -6.95 -12.90
N SER A 371 -6.25 -7.62 -11.91
CA SER A 371 -6.42 -9.07 -11.75
C SER A 371 -6.55 -9.52 -10.31
N ALA A 372 -6.64 -8.56 -9.39
CA ALA A 372 -6.88 -8.83 -7.96
C ALA A 372 -8.06 -9.78 -7.73
N PHE A 373 -9.01 -9.78 -8.67
CA PHE A 373 -10.22 -10.58 -8.59
C PHE A 373 -10.34 -11.67 -9.65
N SER A 374 -9.22 -12.33 -9.98
CA SER A 374 -9.22 -13.42 -10.97
C SER A 374 -8.36 -14.62 -10.55
N GLY A 375 -8.47 -15.70 -11.31
CA GLY A 375 -7.73 -16.94 -11.11
C GLY A 375 -6.21 -16.77 -10.97
N ALA A 376 -5.71 -15.68 -11.53
CA ALA A 376 -4.31 -15.37 -11.52
C ALA A 376 -4.13 -13.98 -10.89
N ALA A 377 -4.35 -13.92 -9.58
CA ALA A 377 -4.22 -12.67 -8.81
C ALA A 377 -2.92 -12.76 -7.98
N ARG A 378 -2.48 -11.62 -7.48
CA ARG A 378 -1.22 -11.51 -6.75
C ARG A 378 -1.31 -12.09 -5.34
N HIS A 379 -2.34 -11.67 -4.58
CA HIS A 379 -2.64 -12.23 -3.25
C HIS A 379 -3.30 -13.58 -3.42
N LEU A 380 -3.27 -14.39 -2.36
CA LEU A 380 -3.84 -15.73 -2.45
C LEU A 380 -5.15 -15.89 -1.66
N ALA A 381 -5.85 -14.79 -1.43
CA ALA A 381 -7.02 -14.78 -0.55
C ALA A 381 -8.20 -15.53 -1.13
N PHE A 382 -8.32 -15.54 -2.46
CA PHE A 382 -9.33 -16.34 -3.17
C PHE A 382 -8.82 -17.72 -3.57
N GLY A 383 -7.66 -18.13 -3.07
CA GLY A 383 -6.98 -19.35 -3.57
C GLY A 383 -6.14 -19.03 -4.79
N SER A 384 -5.85 -20.04 -5.63
CA SER A 384 -5.11 -19.79 -6.88
C SER A 384 -5.34 -20.78 -8.03
N GLY A 385 -5.20 -20.28 -9.26
CA GLY A 385 -5.31 -21.08 -10.47
C GLY A 385 -6.72 -21.43 -10.89
N ILE A 386 -6.93 -22.71 -11.19
CA ILE A 386 -8.21 -23.21 -11.73
C ILE A 386 -9.21 -23.59 -10.63
N HIS A 387 -8.75 -23.62 -9.38
CA HIS A 387 -9.61 -23.87 -8.23
C HIS A 387 -9.91 -22.64 -7.38
N ASN A 388 -9.65 -21.45 -7.94
CA ASN A 388 -9.92 -20.23 -7.19
C ASN A 388 -11.42 -20.00 -6.98
N CYS A 389 -11.74 -19.41 -5.84
CA CYS A 389 -13.11 -19.11 -5.45
C CYS A 389 -14.01 -18.80 -6.63
N VAL A 390 -15.06 -19.59 -6.79
CA VAL A 390 -16.02 -19.51 -7.88
C VAL A 390 -16.71 -18.14 -8.01
N GLY A 391 -16.93 -17.47 -6.89
CA GLY A 391 -17.65 -16.23 -6.91
C GLY A 391 -16.73 -15.08 -6.64
N THR A 392 -15.62 -15.01 -7.36
CA THR A 392 -14.67 -13.91 -7.20
C THR A 392 -15.27 -12.68 -7.83
N ALA A 393 -15.74 -12.84 -9.05
CA ALA A 393 -16.43 -11.79 -9.77
C ALA A 393 -17.54 -11.23 -8.91
N PHE A 394 -18.36 -12.13 -8.36
CA PHE A 394 -19.50 -11.79 -7.49
C PHE A 394 -19.08 -11.11 -6.18
N ALA A 395 -18.01 -11.61 -5.58
CA ALA A 395 -17.46 -11.07 -4.34
C ALA A 395 -17.11 -9.60 -4.51
N LYS A 396 -16.42 -9.28 -5.61
CA LYS A 396 -16.06 -7.91 -5.94
C LYS A 396 -17.30 -7.04 -5.91
N ASN A 397 -18.25 -7.36 -6.78
CA ASN A 397 -19.44 -6.56 -6.96
C ASN A 397 -20.32 -6.43 -5.73
N GLU A 398 -20.43 -7.50 -4.93
CA GLU A 398 -21.21 -7.46 -3.68
C GLU A 398 -20.62 -6.48 -2.68
N ILE A 399 -19.41 -6.78 -2.21
CA ILE A 399 -18.74 -5.90 -1.27
C ILE A 399 -18.71 -4.46 -1.80
N GLU A 400 -18.45 -4.29 -3.10
CA GLU A 400 -18.37 -2.94 -3.67
C GLU A 400 -19.65 -2.15 -3.36
N ILE A 401 -20.79 -2.79 -3.62
CA ILE A 401 -22.12 -2.18 -3.46
C ILE A 401 -22.43 -1.73 -2.04
N VAL A 402 -22.09 -2.56 -1.05
CA VAL A 402 -22.30 -2.22 0.35
C VAL A 402 -21.39 -1.09 0.73
N ALA A 403 -20.10 -1.34 0.59
CA ALA A 403 -19.09 -0.40 1.01
C ALA A 403 -19.54 0.99 0.58
N ASN A 404 -19.96 1.10 -0.68
CA ASN A 404 -20.38 2.36 -1.28
C ASN A 404 -21.55 3.00 -0.55
N ILE A 405 -22.57 2.19 -0.31
CA ILE A 405 -23.75 2.58 0.47
C ILE A 405 -23.40 2.94 1.93
N VAL A 406 -22.66 2.07 2.61
CA VAL A 406 -22.20 2.39 3.97
C VAL A 406 -21.59 3.80 4.02
N LEU A 407 -20.63 4.07 3.14
CA LEU A 407 -19.97 5.36 3.07
C LEU A 407 -20.96 6.49 2.79
N ASP A 408 -21.88 6.25 1.86
CA ASP A 408 -22.93 7.23 1.49
C ASP A 408 -23.80 7.54 2.69
N LYS A 409 -24.16 6.51 3.43
CA LYS A 409 -25.20 6.60 4.45
C LYS A 409 -24.71 7.04 5.82
N MET A 410 -23.54 6.56 6.24
CA MET A 410 -23.03 6.88 7.56
C MET A 410 -22.02 8.02 7.44
N ARG A 411 -22.54 9.22 7.19
CA ARG A 411 -21.71 10.39 6.96
C ARG A 411 -20.81 10.56 8.18
N ASN A 412 -19.57 10.98 7.96
CA ASN A 412 -18.60 11.23 9.04
C ASN A 412 -18.29 10.07 9.96
N ILE A 413 -18.29 8.87 9.38
CA ILE A 413 -18.03 7.64 10.11
C ILE A 413 -16.70 7.70 10.86
N ARG A 414 -16.74 7.30 12.13
CA ARG A 414 -15.58 7.17 13.01
C ARG A 414 -15.74 5.94 13.92
N LEU A 415 -14.63 5.45 14.47
CA LEU A 415 -14.67 4.39 15.48
C LEU A 415 -15.23 4.91 16.80
N GLU A 416 -16.08 4.12 17.46
CA GLU A 416 -16.68 4.53 18.74
C GLU A 416 -15.66 4.79 19.86
N GLU A 417 -16.02 5.69 20.76
CA GLU A 417 -15.15 6.01 21.88
C GLU A 417 -14.84 4.76 22.65
N ASP A 418 -13.56 4.60 23.02
CA ASP A 418 -13.09 3.41 23.74
C ASP A 418 -13.41 2.08 23.02
N PHE A 419 -13.40 2.09 21.68
CA PHE A 419 -13.56 0.85 20.93
C PHE A 419 -12.29 0.05 20.92
N CYS A 420 -12.30 -1.06 21.65
CA CYS A 420 -11.17 -1.99 21.68
C CYS A 420 -11.33 -3.04 20.57
N TYR A 421 -10.46 -3.02 19.56
CA TYR A 421 -10.60 -3.91 18.40
C TYR A 421 -10.01 -5.31 18.62
N ALA A 422 -10.81 -6.34 18.32
CA ALA A 422 -10.38 -7.75 18.45
C ALA A 422 -10.88 -8.66 17.32
N GLU A 423 -10.03 -9.60 16.94
CA GLU A 423 -10.34 -10.58 15.90
C GLU A 423 -10.44 -12.00 16.45
N SER A 424 -11.19 -12.85 15.74
CA SER A 424 -11.45 -14.21 16.16
C SER A 424 -11.54 -15.15 14.96
N GLY A 425 -11.02 -16.37 15.12
CA GLY A 425 -11.10 -17.39 14.09
C GLY A 425 -9.77 -17.94 13.64
N LEU A 426 -9.69 -19.26 13.54
CA LEU A 426 -8.48 -19.94 13.08
C LEU A 426 -8.57 -20.23 11.57
N TYR A 427 -9.59 -20.98 11.17
CA TYR A 427 -9.80 -21.24 9.76
C TYR A 427 -10.24 -19.94 9.04
N THR A 428 -11.28 -19.29 9.54
CA THR A 428 -11.72 -17.99 9.02
C THR A 428 -11.73 -16.93 10.12
N ARG A 429 -11.15 -15.79 9.82
CA ARG A 429 -10.92 -14.79 10.84
C ARG A 429 -11.55 -13.46 10.47
N GLY A 430 -11.89 -12.67 11.49
CA GLY A 430 -12.49 -11.36 11.29
C GLY A 430 -12.79 -10.71 12.63
N PRO A 431 -13.25 -9.43 12.60
CA PRO A 431 -13.53 -8.71 13.84
C PRO A 431 -14.68 -9.34 14.62
N VAL A 432 -14.58 -9.34 15.94
CA VAL A 432 -15.68 -9.80 16.79
C VAL A 432 -16.83 -8.80 16.66
N SER A 433 -16.47 -7.54 16.50
CA SER A 433 -17.41 -6.46 16.40
C SER A 433 -16.66 -5.25 15.87
N LEU A 434 -17.34 -4.42 15.10
CA LEU A 434 -16.79 -3.13 14.70
C LEU A 434 -17.73 -1.99 15.12
N LEU A 435 -17.37 -1.27 16.17
CA LEU A 435 -18.24 -0.24 16.71
C LEU A 435 -17.99 1.12 16.11
N VAL A 436 -18.88 1.51 15.21
CA VAL A 436 -18.75 2.79 14.53
C VAL A 436 -19.86 3.76 14.94
N ALA A 437 -19.59 5.05 14.77
CA ALA A 437 -20.51 6.12 15.06
C ALA A 437 -20.55 7.11 13.90
N PHE A 438 -21.66 7.80 13.75
CA PHE A 438 -21.89 8.66 12.58
C PHE A 438 -23.01 9.69 12.76
N ASP A 439 -23.18 10.53 11.75
CA ASP A 439 -24.27 11.51 11.73
C ASP A 439 -25.54 10.88 11.17
N LYS B 42 -3.43 37.64 -0.56
CA LYS B 42 -4.49 38.20 -1.43
C LYS B 42 -3.94 38.57 -2.80
N LEU B 43 -3.37 39.78 -2.89
CA LEU B 43 -2.67 40.27 -4.08
C LEU B 43 -1.16 40.12 -3.85
N PHE B 44 -0.74 38.89 -3.61
CA PHE B 44 0.58 38.62 -3.05
C PHE B 44 1.32 37.62 -3.93
N SER B 45 2.66 37.67 -3.90
CA SER B 45 3.48 36.79 -4.72
C SER B 45 4.22 35.74 -3.89
N VAL B 46 3.89 34.48 -4.12
CA VAL B 46 4.67 33.37 -3.57
C VAL B 46 6.01 33.26 -4.30
N LEU B 47 6.20 34.15 -5.27
CA LEU B 47 7.42 34.21 -6.05
C LEU B 47 8.34 35.36 -5.64
N SER B 48 7.80 36.25 -4.80
CA SER B 48 8.57 37.36 -4.23
C SER B 48 9.76 36.85 -3.45
N ASP B 49 10.82 37.66 -3.43
CA ASP B 49 11.97 37.45 -2.56
C ASP B 49 11.53 37.31 -1.11
N GLN B 50 10.44 38.01 -0.77
CA GLN B 50 9.92 38.09 0.59
C GLN B 50 9.23 36.81 1.02
N PHE B 51 8.63 36.12 0.06
CA PHE B 51 8.09 34.79 0.31
C PHE B 51 9.25 33.83 0.53
N GLN B 52 10.15 33.77 -0.45
CA GLN B 52 11.29 32.86 -0.42
C GLN B 52 12.08 33.01 0.86
N ASN B 53 12.17 34.24 1.37
CA ASN B 53 12.88 34.49 2.60
C ASN B 53 12.54 33.42 3.60
N ASN B 54 11.24 33.19 3.77
CA ASN B 54 10.66 32.08 4.58
C ASN B 54 9.28 32.00 3.98
N PRO B 55 8.85 30.77 3.70
CA PRO B 55 7.55 30.47 3.10
C PRO B 55 6.63 30.05 4.25
N TYR B 56 7.21 29.60 5.35
CA TYR B 56 6.45 28.99 6.45
C TYR B 56 5.65 30.00 7.28
N ALA B 57 5.93 31.29 7.09
CA ALA B 57 5.16 32.36 7.69
C ALA B 57 3.84 32.63 6.95
N TYR B 58 3.79 32.31 5.66
CA TYR B 58 2.66 32.69 4.79
C TYR B 58 1.69 31.56 4.43
N PHE B 59 1.89 30.37 5.00
CA PHE B 59 1.12 29.19 4.61
C PHE B 59 -0.32 29.20 5.08
N SER B 60 -0.52 29.36 6.39
CA SER B 60 -1.87 29.33 6.97
C SER B 60 -2.76 30.46 6.42
N GLN B 61 -2.21 31.67 6.43
CA GLN B 61 -2.76 32.82 5.72
C GLN B 61 -3.31 32.38 4.36
N LEU B 62 -2.44 31.79 3.54
CA LEU B 62 -2.76 31.33 2.20
C LEU B 62 -3.90 30.33 2.15
N ARG B 63 -3.87 29.31 2.99
CA ARG B 63 -4.83 28.23 2.84
C ARG B 63 -6.19 28.56 3.44
N GLU B 64 -6.23 29.53 4.35
CA GLU B 64 -7.50 29.90 4.96
C GLU B 64 -8.22 30.96 4.12
N GLU B 65 -7.49 31.62 3.23
CA GLU B 65 -8.03 32.75 2.48
C GLU B 65 -7.91 32.59 0.96
N ASP B 66 -6.79 32.07 0.49
CA ASP B 66 -6.57 31.92 -0.95
C ASP B 66 -5.97 30.54 -1.28
N PRO B 67 -6.71 29.45 -0.96
CA PRO B 67 -6.19 28.08 -1.12
C PRO B 67 -5.77 27.81 -2.55
N VAL B 68 -6.61 28.24 -3.51
CA VAL B 68 -6.32 28.19 -4.90
C VAL B 68 -5.75 29.54 -5.30
N HIS B 69 -4.54 29.84 -4.85
CA HIS B 69 -3.95 31.16 -5.10
C HIS B 69 -3.49 31.17 -6.60
N TYR B 70 -3.90 32.22 -7.29
CA TYR B 70 -3.51 32.46 -8.67
C TYR B 70 -2.25 33.34 -8.72
N GLU B 71 -1.15 32.80 -9.21
CA GLU B 71 0.04 33.63 -9.38
C GLU B 71 -0.04 34.36 -10.72
N GLU B 72 0.41 35.60 -10.74
CA GLU B 72 0.16 36.51 -11.87
C GLU B 72 1.14 36.35 -13.05
N SER B 73 2.44 36.20 -12.74
CA SER B 73 3.50 36.24 -13.78
C SER B 73 3.57 34.98 -14.66
N ILE B 74 3.64 33.81 -14.04
CA ILE B 74 3.38 32.57 -14.75
C ILE B 74 1.88 32.39 -14.68
N ASP B 75 1.25 32.04 -15.80
CA ASP B 75 -0.21 31.86 -15.82
C ASP B 75 -0.43 30.51 -15.14
N SER B 76 -0.64 30.56 -13.83
CA SER B 76 -0.51 29.39 -13.00
C SER B 76 -1.14 29.59 -11.63
N TYR B 77 -1.45 28.48 -10.97
CA TYR B 77 -2.12 28.45 -9.70
C TYR B 77 -1.33 27.67 -8.66
N PHE B 78 -1.40 28.15 -7.41
CA PHE B 78 -0.69 27.54 -6.30
C PHE B 78 -1.67 27.06 -5.26
N ILE B 79 -1.66 25.76 -5.00
CA ILE B 79 -2.62 25.15 -4.11
C ILE B 79 -2.00 24.73 -2.79
N SER B 80 -2.61 25.13 -1.68
CA SER B 80 -1.97 25.02 -0.38
C SER B 80 -2.64 24.12 0.66
N ARG B 81 -3.90 23.77 0.46
CA ARG B 81 -4.65 22.88 1.40
C ARG B 81 -4.26 21.41 1.25
N TYR B 82 -4.04 20.73 2.39
CA TYR B 82 -3.62 19.31 2.39
C TYR B 82 -4.51 18.44 1.50
N HIS B 83 -5.80 18.43 1.78
CA HIS B 83 -6.72 17.54 1.09
C HIS B 83 -6.88 17.81 -0.40
N ASP B 84 -6.83 19.07 -0.81
CA ASP B 84 -6.81 19.42 -2.24
C ASP B 84 -5.54 18.89 -2.93
N VAL B 85 -4.40 19.07 -2.26
CA VAL B 85 -3.12 18.59 -2.76
C VAL B 85 -3.12 17.07 -2.92
N ARG B 86 -3.36 16.34 -1.81
CA ARG B 86 -3.39 14.88 -1.81
C ARG B 86 -4.22 14.34 -2.99
N TYR B 87 -5.39 14.94 -3.20
CA TYR B 87 -6.30 14.55 -4.28
C TYR B 87 -5.67 14.74 -5.64
N ILE B 88 -5.10 15.93 -5.83
CA ILE B 88 -4.42 16.29 -7.07
C ILE B 88 -3.30 15.32 -7.38
N LEU B 89 -2.37 15.19 -6.45
CA LEU B 89 -1.23 14.25 -6.54
C LEU B 89 -1.60 12.81 -6.86
N GLN B 90 -2.81 12.40 -6.48
CA GLN B 90 -3.22 11.02 -6.62
C GLN B 90 -3.91 10.77 -7.95
N HIS B 91 -4.10 11.81 -8.75
CA HIS B 91 -4.82 11.69 -10.03
C HIS B 91 -4.00 12.16 -11.24
N PRO B 92 -3.03 11.32 -11.68
CA PRO B 92 -2.12 11.71 -12.75
C PRO B 92 -2.83 11.79 -14.09
N ASP B 93 -4.05 11.28 -14.16
CA ASP B 93 -4.82 11.33 -15.39
C ASP B 93 -5.38 12.71 -15.64
N ILE B 94 -6.09 13.23 -14.64
CA ILE B 94 -6.71 14.54 -14.74
C ILE B 94 -5.67 15.65 -14.54
N PHE B 95 -4.72 15.40 -13.63
CA PHE B 95 -3.67 16.36 -13.27
C PHE B 95 -2.33 15.80 -13.67
N THR B 96 -2.00 15.95 -14.95
CA THR B 96 -0.92 15.20 -15.60
C THR B 96 0.49 15.64 -15.23
N THR B 97 1.35 14.65 -14.99
CA THR B 97 2.75 14.86 -14.59
C THR B 97 3.66 15.16 -15.78
N LYS B 98 4.91 15.52 -15.47
CA LYS B 98 5.98 15.67 -16.46
C LYS B 98 7.27 15.18 -15.83
N SER B 99 7.97 14.28 -16.51
CA SER B 99 9.25 13.74 -16.02
C SER B 99 10.27 14.85 -15.89
N LEU B 100 11.25 14.67 -15.00
CA LEU B 100 12.29 15.69 -14.78
C LEU B 100 13.06 16.02 -16.06
N VAL B 101 13.48 14.99 -16.78
CA VAL B 101 14.06 15.15 -18.11
C VAL B 101 13.18 16.03 -18.98
N GLU B 102 11.88 15.74 -18.98
CA GLU B 102 10.90 16.42 -19.85
C GLU B 102 10.79 17.92 -19.60
N ARG B 103 10.80 18.31 -18.34
CA ARG B 103 10.62 19.72 -17.98
C ARG B 103 11.81 20.56 -18.37
N ALA B 104 12.98 19.94 -18.42
CA ALA B 104 14.21 20.63 -18.71
C ALA B 104 14.54 20.62 -20.20
N GLU B 105 13.58 20.17 -21.02
CA GLU B 105 13.82 19.97 -22.45
C GLU B 105 13.87 21.24 -23.31
N PRO B 106 13.55 22.41 -22.73
CA PRO B 106 14.06 23.65 -23.34
C PRO B 106 15.59 23.71 -23.30
N VAL B 107 16.21 22.87 -22.46
CA VAL B 107 17.64 22.90 -22.16
C VAL B 107 18.33 21.53 -22.40
N MET B 108 17.62 20.62 -23.07
CA MET B 108 18.13 19.28 -23.42
C MET B 108 18.34 19.19 -24.95
N ARG B 109 18.71 17.99 -25.44
CA ARG B 109 19.00 17.78 -26.87
C ARG B 109 18.29 16.55 -27.49
N GLY B 110 17.85 15.62 -26.64
CA GLY B 110 17.22 14.37 -27.07
C GLY B 110 15.82 14.21 -26.51
N SER B 122 2.37 1.59 -21.75
CA SER B 122 3.12 2.76 -22.22
C SER B 122 4.30 3.10 -21.29
N ALA B 123 4.13 4.15 -20.48
CA ALA B 123 5.13 4.54 -19.49
C ALA B 123 4.93 3.74 -18.20
N LYS B 124 4.77 2.43 -18.37
CA LYS B 124 4.52 1.52 -17.26
C LYS B 124 5.83 0.85 -16.83
N ARG B 125 6.93 1.25 -17.48
CA ARG B 125 8.29 0.82 -17.16
C ARG B 125 8.73 1.45 -15.85
N ARG B 126 7.78 1.61 -14.93
CA ARG B 126 8.07 2.12 -13.62
C ARG B 126 8.51 0.94 -12.77
N ILE B 127 7.66 -0.08 -12.71
CA ILE B 127 8.10 -1.42 -12.36
C ILE B 127 9.14 -1.70 -13.44
N VAL B 128 10.25 -2.32 -13.05
CA VAL B 128 11.49 -2.46 -13.86
C VAL B 128 12.38 -1.24 -13.65
N VAL B 129 11.99 -0.38 -12.70
CA VAL B 129 12.89 0.66 -12.22
C VAL B 129 12.69 0.41 -10.72
N ARG B 130 11.43 0.19 -10.30
CA ARG B 130 11.12 -0.03 -8.88
C ARG B 130 11.63 -1.39 -8.42
N SER B 131 11.74 -2.32 -9.36
CA SER B 131 12.27 -3.64 -9.07
C SER B 131 13.80 -3.68 -9.13
N PHE B 132 14.43 -2.63 -9.66
CA PHE B 132 15.88 -2.52 -9.60
C PHE B 132 16.34 -1.89 -8.29
N ILE B 133 15.73 -0.76 -7.95
CA ILE B 133 15.94 -0.03 -6.71
C ILE B 133 15.76 -0.89 -5.47
N GLY B 134 14.70 -1.71 -5.45
CA GLY B 134 14.45 -2.63 -4.33
C GLY B 134 15.51 -3.71 -4.17
N ASP B 135 16.01 -4.19 -5.31
CA ASP B 135 17.11 -5.17 -5.39
C ASP B 135 18.47 -4.54 -5.11
N ALA B 136 18.54 -3.23 -5.33
CA ALA B 136 19.75 -2.48 -5.10
C ALA B 136 19.92 -2.14 -3.63
N LEU B 137 18.83 -1.73 -2.97
CA LEU B 137 18.88 -1.22 -1.60
C LEU B 137 19.40 -2.27 -0.64
N ASP B 138 19.24 -3.54 -1.03
CA ASP B 138 19.86 -4.64 -0.33
C ASP B 138 21.38 -4.62 -0.59
N HIS B 139 21.75 -4.59 -1.87
CA HIS B 139 23.11 -4.79 -2.31
C HIS B 139 24.01 -3.54 -2.29
N LEU B 140 23.42 -2.37 -2.03
CA LEU B 140 24.20 -1.12 -2.00
C LEU B 140 24.48 -0.62 -0.59
N SER B 141 23.80 -1.20 0.40
CA SER B 141 23.98 -0.82 1.80
C SER B 141 25.41 -0.74 2.33
N PRO B 142 26.35 -1.56 1.79
CA PRO B 142 27.71 -1.34 2.25
C PRO B 142 28.39 -0.16 1.58
N LEU B 143 28.02 0.17 0.35
CA LEU B 143 28.65 1.31 -0.31
C LEU B 143 28.10 2.63 0.20
N ILE B 144 26.79 2.75 0.33
CA ILE B 144 26.22 3.92 0.97
C ILE B 144 26.96 4.14 2.27
N LYS B 145 27.28 3.05 2.97
CA LYS B 145 28.00 3.06 4.23
C LYS B 145 29.47 3.52 4.07
N GLN B 146 30.19 2.96 3.10
CA GLN B 146 31.58 3.34 2.87
C GLN B 146 31.70 4.76 2.37
N ASN B 147 30.71 5.22 1.60
CA ASN B 147 30.67 6.59 1.11
C ASN B 147 30.65 7.60 2.24
N ALA B 148 29.61 7.55 3.05
CA ALA B 148 29.54 8.32 4.27
C ALA B 148 30.85 8.31 5.06
N GLU B 149 31.32 7.12 5.45
CA GLU B 149 32.54 7.00 6.24
C GLU B 149 33.75 7.70 5.62
N ASN B 150 33.91 7.58 4.30
CA ASN B 150 35.05 8.16 3.60
C ASN B 150 34.96 9.66 3.51
N LEU B 151 33.91 10.13 2.85
CA LEU B 151 33.62 11.55 2.74
C LEU B 151 33.81 12.33 4.04
N LEU B 152 33.58 11.65 5.16
CA LEU B 152 33.70 12.25 6.50
C LEU B 152 35.12 12.33 7.04
N ALA B 153 35.95 11.35 6.69
CA ALA B 153 37.29 11.15 7.29
C ALA B 153 38.31 12.32 7.20
N PRO B 154 38.20 13.19 6.16
CA PRO B 154 39.04 14.38 6.18
C PRO B 154 38.67 15.38 7.29
N TYR B 155 37.39 15.44 7.66
CA TYR B 155 36.93 16.46 8.63
C TYR B 155 36.99 16.06 10.11
N LEU B 156 37.49 14.86 10.38
CA LEU B 156 37.39 14.30 11.71
C LEU B 156 38.39 14.84 12.72
N GLU B 157 39.63 15.09 12.31
CA GLU B 157 40.62 15.54 13.29
C GLU B 157 40.48 17.03 13.64
N ARG B 158 39.90 17.79 12.72
CA ARG B 158 39.57 19.22 12.91
C ARG B 158 38.45 19.44 13.93
N GLY B 159 37.47 18.54 13.96
CA GLY B 159 36.32 18.64 14.86
C GLY B 159 35.22 19.58 14.39
N LYS B 160 35.29 19.96 13.11
CA LYS B 160 34.38 20.93 12.51
C LYS B 160 33.98 20.52 11.10
N SER B 161 32.78 20.90 10.69
CA SER B 161 32.30 20.64 9.33
C SER B 161 31.12 21.52 8.94
N ASP B 162 30.89 21.62 7.62
CA ASP B 162 29.68 22.20 7.06
C ASP B 162 28.95 21.11 6.30
N LEU B 163 27.99 20.46 6.97
CA LEU B 163 27.38 19.24 6.47
C LEU B 163 26.73 19.38 5.08
N VAL B 164 26.22 20.57 4.76
CA VAL B 164 25.71 20.85 3.40
C VAL B 164 26.84 20.97 2.34
N ASN B 165 27.95 21.61 2.71
CA ASN B 165 28.98 21.89 1.72
C ASN B 165 30.22 21.01 1.78
N ASP B 166 30.63 20.62 2.98
CA ASP B 166 31.73 19.67 3.13
C ASP B 166 31.32 18.22 2.99
N PHE B 167 30.03 17.94 3.05
CA PHE B 167 29.65 16.54 3.17
C PHE B 167 28.51 16.09 2.26
N GLY B 168 27.28 16.54 2.57
CA GLY B 168 26.05 15.98 1.99
C GLY B 168 25.88 15.99 0.46
N LYS B 169 26.05 17.17 -0.14
CA LYS B 169 25.84 17.29 -1.58
C LYS B 169 26.72 16.30 -2.36
N THR B 170 27.95 16.09 -1.89
CA THR B 170 28.87 15.12 -2.48
C THR B 170 28.45 13.69 -2.22
N PHE B 171 28.07 13.41 -0.97
CA PHE B 171 27.57 12.09 -0.56
C PHE B 171 26.39 11.61 -1.38
N ALA B 172 25.42 12.51 -1.57
CA ALA B 172 24.19 12.28 -2.34
C ALA B 172 24.49 12.07 -3.81
N VAL B 173 25.58 12.65 -4.29
CA VAL B 173 26.08 12.39 -5.64
C VAL B 173 26.69 10.98 -5.78
N CYS B 174 27.49 10.56 -4.80
CA CYS B 174 28.18 9.27 -4.86
C CYS B 174 27.27 8.05 -4.68
N VAL B 175 26.20 8.19 -3.93
CA VAL B 175 25.25 7.11 -3.78
C VAL B 175 24.58 6.96 -5.14
N THR B 176 24.08 8.07 -5.65
CA THR B 176 23.43 8.06 -6.96
C THR B 176 24.35 7.46 -8.03
N MET B 177 25.60 7.92 -8.04
CA MET B 177 26.64 7.27 -8.84
C MET B 177 26.69 5.74 -8.59
N ASP B 178 26.97 5.30 -7.37
CA ASP B 178 26.95 3.86 -7.02
C ASP B 178 25.80 3.12 -7.68
N MET B 179 24.64 3.75 -7.66
CA MET B 179 23.39 3.18 -8.17
C MET B 179 23.43 3.07 -9.70
N LEU B 180 24.08 4.03 -10.34
CA LEU B 180 24.28 4.04 -11.79
C LEU B 180 25.55 3.31 -12.24
N GLY B 181 26.44 3.00 -11.28
CA GLY B 181 27.69 2.30 -11.55
C GLY B 181 28.71 3.11 -12.32
N LEU B 182 28.64 4.43 -12.18
CA LEU B 182 29.64 5.33 -12.75
C LEU B 182 30.81 5.37 -11.78
N ASP B 183 31.98 5.72 -12.31
CA ASP B 183 33.23 5.68 -11.55
C ASP B 183 33.30 6.84 -10.57
N LYS B 184 33.16 6.56 -9.27
CA LYS B 184 33.06 7.59 -8.22
C LYS B 184 34.18 8.64 -8.15
N ARG B 185 35.26 8.47 -8.90
CA ARG B 185 36.33 9.48 -8.91
C ARG B 185 35.96 10.74 -9.68
N ASP B 186 34.79 10.72 -10.28
CA ASP B 186 34.29 11.86 -11.01
C ASP B 186 33.18 12.57 -10.23
N HIS B 187 33.21 12.45 -8.91
CA HIS B 187 32.14 13.03 -8.09
C HIS B 187 32.00 14.54 -8.33
N GLU B 188 33.13 15.25 -8.39
CA GLU B 188 33.15 16.69 -8.69
C GLU B 188 32.39 16.92 -10.00
N LYS B 189 33.05 16.67 -11.13
CA LYS B 189 32.43 16.79 -12.45
C LYS B 189 30.91 16.60 -12.43
N ILE B 190 30.47 15.40 -12.04
CA ILE B 190 29.05 15.04 -12.11
C ILE B 190 28.16 15.90 -11.24
N SER B 191 28.68 16.36 -10.12
CA SER B 191 27.91 17.23 -9.25
C SER B 191 27.69 18.59 -9.90
N GLU B 192 28.78 19.21 -10.35
CA GLU B 192 28.71 20.50 -11.02
C GLU B 192 27.68 20.45 -12.15
N TRP B 193 27.73 19.40 -12.95
CA TRP B 193 26.78 19.24 -14.04
C TRP B 193 25.36 19.14 -13.53
N HIS B 194 25.16 18.25 -12.56
CA HIS B 194 23.86 18.05 -11.93
C HIS B 194 23.29 19.36 -11.36
N SER B 195 24.16 20.17 -10.76
CA SER B 195 23.76 21.47 -10.23
C SER B 195 23.28 22.35 -11.36
N GLY B 196 23.91 22.18 -12.51
CA GLY B 196 23.71 23.02 -13.67
C GLY B 196 22.35 22.78 -14.26
N VAL B 197 22.05 21.53 -14.56
CA VAL B 197 20.75 21.18 -15.10
C VAL B 197 19.63 21.53 -14.10
N ALA B 198 19.79 21.07 -12.86
CA ALA B 198 18.80 21.28 -11.80
C ALA B 198 18.50 22.75 -11.57
N ASP B 199 19.53 23.58 -11.72
CA ASP B 199 19.38 25.03 -11.69
C ASP B 199 18.32 25.54 -12.67
N PHE B 200 18.24 24.94 -13.87
CA PHE B 200 17.18 25.35 -14.79
C PHE B 200 15.77 24.94 -14.34
N ILE B 201 15.64 23.74 -13.78
CA ILE B 201 14.36 23.30 -13.25
C ILE B 201 13.89 24.17 -12.07
N THR B 202 14.73 24.31 -11.05
CA THR B 202 14.36 25.07 -9.86
C THR B 202 13.99 26.54 -10.12
N SER B 203 14.74 27.21 -10.99
CA SER B 203 14.63 28.67 -11.13
C SER B 203 13.43 29.14 -11.93
N ILE B 204 12.74 30.16 -11.44
CA ILE B 204 11.70 30.84 -12.22
C ILE B 204 12.29 31.51 -13.47
N SER B 205 13.44 32.17 -13.29
CA SER B 205 14.15 32.83 -14.39
C SER B 205 15.67 32.63 -14.28
N GLN B 206 16.36 32.87 -15.38
CA GLN B 206 17.81 32.69 -15.44
C GLN B 206 18.45 33.82 -16.23
N SER B 207 19.68 34.16 -15.88
CA SER B 207 20.45 35.11 -16.68
C SER B 207 20.94 34.35 -17.90
N PRO B 208 21.15 35.06 -19.02
CA PRO B 208 21.64 34.39 -20.22
C PRO B 208 22.88 33.59 -19.92
N GLU B 209 23.65 33.99 -18.92
CA GLU B 209 24.81 33.22 -18.51
C GLU B 209 24.42 31.95 -17.79
N ALA B 210 23.52 32.08 -16.81
CA ALA B 210 23.07 30.93 -16.04
C ALA B 210 22.45 29.90 -16.99
N ARG B 211 21.58 30.36 -17.88
CA ARG B 211 20.95 29.46 -18.84
C ARG B 211 21.95 28.77 -19.76
N ALA B 212 22.94 29.51 -20.26
CA ALA B 212 23.94 28.94 -21.14
C ALA B 212 24.76 27.87 -20.43
N HIS B 213 25.06 28.13 -19.15
CA HIS B 213 25.76 27.17 -18.33
C HIS B 213 24.96 25.88 -18.20
N SER B 214 23.71 26.00 -17.75
CA SER B 214 22.79 24.88 -17.64
C SER B 214 22.80 24.01 -18.90
N LEU B 215 22.78 24.67 -20.05
CA LEU B 215 22.79 24.02 -21.34
C LEU B 215 24.06 23.19 -21.49
N TRP B 216 25.20 23.78 -21.16
CA TRP B 216 26.49 23.12 -21.29
C TRP B 216 26.60 21.85 -20.43
N CYS B 217 26.08 21.91 -19.20
CA CYS B 217 26.05 20.75 -18.31
C CYS B 217 25.26 19.57 -18.87
N SER B 218 24.05 19.83 -19.37
CA SER B 218 23.26 18.78 -20.00
C SER B 218 24.02 18.23 -21.19
N GLU B 219 24.64 19.11 -21.97
CA GLU B 219 25.52 18.68 -23.06
C GLU B 219 26.55 17.74 -22.49
N GLN B 220 27.23 18.16 -21.43
CA GLN B 220 28.28 17.38 -20.80
C GLN B 220 27.81 16.04 -20.25
N LEU B 221 26.73 16.05 -19.47
CA LEU B 221 26.19 14.84 -18.89
C LEU B 221 26.07 13.78 -19.96
N SER B 222 25.32 14.09 -21.00
CA SER B 222 24.96 13.12 -22.03
C SER B 222 26.15 12.61 -22.84
N GLN B 223 27.17 13.44 -23.00
CA GLN B 223 28.39 13.02 -23.68
C GLN B 223 29.30 12.23 -22.74
N TYR B 224 29.09 12.37 -21.43
CA TYR B 224 29.72 11.50 -20.44
C TYR B 224 29.03 10.13 -20.47
N LEU B 225 27.71 10.16 -20.24
CA LEU B 225 26.86 8.97 -20.08
C LEU B 225 26.63 8.08 -21.32
N MET B 226 26.65 8.67 -22.52
CA MET B 226 26.28 7.96 -23.75
C MET B 226 27.23 6.80 -24.10
N PRO B 227 28.54 7.10 -24.22
CA PRO B 227 29.55 6.04 -24.36
C PRO B 227 29.41 4.92 -23.30
N VAL B 228 29.01 5.29 -22.09
CA VAL B 228 28.72 4.29 -21.07
C VAL B 228 27.52 3.44 -21.47
N ILE B 229 26.45 4.05 -21.98
CA ILE B 229 25.26 3.27 -22.38
C ILE B 229 25.57 2.31 -23.53
N LYS B 230 26.48 2.71 -24.42
CA LYS B 230 26.96 1.81 -25.48
C LYS B 230 27.77 0.62 -24.94
N GLU B 231 28.62 0.88 -23.94
CA GLU B 231 29.52 -0.13 -23.41
C GLU B 231 28.72 -1.24 -22.74
N ARG B 232 27.87 -0.83 -21.80
CA ARG B 232 27.06 -1.77 -21.05
C ARG B 232 26.04 -2.52 -21.90
N ARG B 233 25.56 -1.88 -22.96
CA ARG B 233 24.64 -2.53 -23.90
C ARG B 233 25.17 -3.89 -24.29
N VAL B 234 26.50 -4.03 -24.33
CA VAL B 234 27.11 -5.28 -24.77
C VAL B 234 28.00 -5.99 -23.73
N ASN B 235 28.45 -5.26 -22.71
CA ASN B 235 29.15 -5.88 -21.59
C ASN B 235 28.56 -5.52 -20.24
N PRO B 236 27.31 -5.96 -19.99
CA PRO B 236 26.53 -5.42 -18.88
C PRO B 236 27.04 -5.84 -17.51
N GLY B 237 26.54 -5.20 -16.47
CA GLY B 237 26.92 -5.52 -15.10
C GLY B 237 25.70 -5.66 -14.20
N SER B 238 25.67 -4.90 -13.12
CA SER B 238 24.61 -5.02 -12.14
C SER B 238 23.90 -3.68 -11.93
N ASP B 239 24.47 -2.63 -12.53
CA ASP B 239 23.98 -1.27 -12.36
C ASP B 239 22.66 -1.03 -13.08
N LEU B 240 22.04 0.12 -12.78
CA LEU B 240 20.81 0.54 -13.44
C LEU B 240 21.00 0.67 -14.94
N ILE B 241 22.13 1.24 -15.35
CA ILE B 241 22.43 1.45 -16.76
C ILE B 241 22.46 0.09 -17.45
N SER B 242 23.17 -0.87 -16.87
CA SER B 242 23.20 -2.24 -17.39
C SER B 242 21.80 -2.85 -17.50
N ILE B 243 21.05 -2.81 -16.41
CA ILE B 243 19.70 -3.39 -16.34
C ILE B 243 18.69 -2.81 -17.37
N LEU B 244 18.84 -1.53 -17.70
CA LEU B 244 18.00 -0.90 -18.72
C LEU B 244 18.41 -1.32 -20.12
N CYS B 245 19.66 -1.72 -20.26
CA CYS B 245 20.18 -2.19 -21.54
C CYS B 245 19.65 -3.56 -21.92
N THR B 246 19.03 -4.27 -20.98
CA THR B 246 18.61 -5.66 -21.18
C THR B 246 17.34 -6.00 -20.41
N SER B 247 16.30 -6.47 -21.12
CA SER B 247 15.05 -6.99 -20.49
C SER B 247 13.95 -7.34 -21.50
N GLU B 248 12.80 -7.81 -20.99
CA GLU B 248 11.69 -8.28 -21.84
C GLU B 248 10.32 -8.06 -21.18
N ALA B 253 12.63 -3.99 -24.45
CA ALA B 253 11.90 -2.85 -24.97
C ALA B 253 12.76 -1.64 -25.42
N LEU B 254 13.54 -1.07 -24.49
CA LEU B 254 14.15 0.29 -24.63
C LEU B 254 15.25 0.51 -25.68
N SER B 255 15.48 1.80 -26.00
CA SER B 255 16.50 2.24 -26.98
C SER B 255 17.54 3.16 -26.33
N ASP B 256 18.64 3.41 -27.05
CA ASP B 256 19.74 4.24 -26.54
C ASP B 256 19.30 5.60 -25.99
N LYS B 257 18.56 6.37 -26.78
CA LYS B 257 18.10 7.71 -26.36
C LYS B 257 17.08 7.62 -25.23
N ASP B 258 16.34 6.53 -25.18
CA ASP B 258 15.35 6.33 -24.13
C ASP B 258 16.03 6.05 -22.80
N ILE B 259 17.11 5.26 -22.85
CA ILE B 259 17.89 4.93 -21.66
C ILE B 259 18.50 6.18 -21.03
N LEU B 260 19.07 7.05 -21.86
CA LEU B 260 19.63 8.33 -21.38
C LEU B 260 18.62 9.16 -20.56
N ALA B 261 17.39 9.29 -21.07
CA ALA B 261 16.29 9.94 -20.35
C ALA B 261 16.13 9.40 -18.92
N LEU B 262 15.85 8.10 -18.78
CA LEU B 262 15.64 7.50 -17.45
C LEU B 262 16.81 7.72 -16.51
N ILE B 263 18.01 7.41 -16.97
CA ILE B 263 19.24 7.67 -16.23
C ILE B 263 19.33 9.13 -15.75
N LEU B 264 19.10 10.08 -16.68
CA LEU B 264 19.21 11.52 -16.41
C LEU B 264 18.12 11.98 -15.49
N ASN B 265 17.02 11.22 -15.47
CA ASN B 265 15.90 11.49 -14.60
C ASN B 265 16.21 11.05 -13.18
N VAL B 266 16.49 9.77 -13.03
CA VAL B 266 16.91 9.21 -11.76
C VAL B 266 18.09 9.99 -11.17
N LEU B 267 18.97 10.47 -12.03
CA LEU B 267 20.10 11.25 -11.58
C LEU B 267 19.66 12.53 -10.87
N LEU B 268 18.74 13.29 -11.46
CA LEU B 268 18.30 14.54 -10.86
C LEU B 268 17.52 14.23 -9.61
N ALA B 269 16.65 13.21 -9.71
CA ALA B 269 15.75 12.83 -8.65
C ALA B 269 16.41 12.39 -7.34
N ALA B 270 17.23 11.35 -7.36
CA ALA B 270 17.83 10.81 -6.14
C ALA B 270 18.89 11.71 -5.48
N THR B 271 19.60 12.48 -6.29
CA THR B 271 20.66 13.35 -5.80
C THR B 271 20.11 14.53 -5.00
N GLU B 272 19.13 15.23 -5.57
CA GLU B 272 18.63 16.50 -5.01
C GLU B 272 18.20 16.50 -3.55
N PRO B 273 17.20 15.68 -3.18
CA PRO B 273 16.74 15.86 -1.83
C PRO B 273 17.61 15.12 -0.80
N ALA B 274 18.21 14.00 -1.19
CA ALA B 274 19.01 13.17 -0.25
C ALA B 274 19.86 13.95 0.76
N ASP B 275 20.48 15.04 0.32
CA ASP B 275 21.39 15.78 1.21
C ASP B 275 20.67 16.93 1.87
N LYS B 276 19.59 17.40 1.24
CA LYS B 276 18.72 18.40 1.84
C LYS B 276 18.07 17.84 3.11
N THR B 277 17.61 16.60 3.02
CA THR B 277 17.05 15.87 4.16
C THR B 277 18.09 15.62 5.27
N LEU B 278 19.26 15.10 4.91
CA LEU B 278 20.27 14.82 5.92
C LEU B 278 20.58 16.05 6.74
N ALA B 279 20.73 17.18 6.07
CA ALA B 279 21.00 18.43 6.77
C ALA B 279 19.80 18.85 7.62
N LEU B 280 18.62 18.90 7.00
CA LEU B 280 17.40 19.40 7.62
C LEU B 280 17.02 18.63 8.89
N MET B 281 17.30 17.34 8.91
CA MET B 281 17.09 16.54 10.11
C MET B 281 18.08 16.97 11.18
N ILE B 282 19.37 16.76 10.92
CA ILE B 282 20.42 17.14 11.86
C ILE B 282 20.20 18.52 12.49
N TYR B 283 19.79 19.51 11.70
CA TYR B 283 19.59 20.84 12.24
C TYR B 283 18.42 20.86 13.21
N HIS B 284 17.25 20.38 12.78
CA HIS B 284 16.10 20.38 13.66
C HIS B 284 16.25 19.48 14.90
N LEU B 285 16.99 18.40 14.77
CA LEU B 285 17.28 17.52 15.90
C LEU B 285 18.16 18.18 16.95
N LEU B 286 19.20 18.89 16.49
CA LEU B 286 20.09 19.65 17.38
C LEU B 286 19.36 20.86 17.98
N ASN B 287 18.45 21.43 17.20
CA ASN B 287 17.65 22.55 17.64
C ASN B 287 16.59 22.12 18.67
N ASN B 288 16.20 20.85 18.62
CA ASN B 288 15.38 20.24 19.68
C ASN B 288 16.32 19.24 20.37
N PRO B 289 17.01 19.68 21.43
CA PRO B 289 18.14 18.96 22.00
C PRO B 289 17.56 17.78 22.77
N GLU B 290 16.38 17.99 23.38
CA GLU B 290 15.66 16.90 24.05
C GLU B 290 15.54 15.72 23.09
N GLN B 291 15.00 16.01 21.90
CA GLN B 291 14.69 15.00 20.94
C GLN B 291 15.99 14.37 20.45
N MET B 292 17.00 15.21 20.21
CA MET B 292 18.31 14.74 19.72
C MET B 292 18.86 13.65 20.63
N ASN B 293 18.91 13.96 21.94
CA ASN B 293 19.39 13.01 22.95
C ASN B 293 18.60 11.71 22.95
N ASP B 294 17.32 11.80 22.62
CA ASP B 294 16.47 10.63 22.44
C ASP B 294 16.92 9.74 21.29
N VAL B 295 17.20 10.33 20.13
CA VAL B 295 17.74 9.58 19.00
C VAL B 295 19.10 8.99 19.35
N LEU B 296 19.94 9.76 20.03
CA LEU B 296 21.26 9.26 20.37
C LEU B 296 21.16 7.95 21.14
N ALA B 297 20.43 7.98 22.26
CA ALA B 297 20.29 6.82 23.15
C ALA B 297 19.62 5.60 22.51
N ASP B 298 18.53 5.82 21.78
CA ASP B 298 17.79 4.75 21.07
C ASP B 298 17.75 5.02 19.56
N ARG B 299 18.67 4.39 18.82
CA ARG B 299 18.87 4.66 17.38
C ARG B 299 17.68 4.34 16.47
N SER B 300 16.91 3.33 16.80
CA SER B 300 15.78 2.94 15.95
C SER B 300 14.68 4.01 15.88
N LEU B 301 14.91 5.15 16.55
CA LEU B 301 14.04 6.29 16.39
C LEU B 301 14.32 7.00 15.08
N VAL B 302 15.48 6.73 14.50
CA VAL B 302 15.94 7.48 13.31
C VAL B 302 14.85 7.65 12.24
N PRO B 303 14.20 6.54 11.82
CA PRO B 303 13.14 6.70 10.82
C PRO B 303 12.13 7.79 11.22
N ARG B 304 11.61 7.72 12.44
CA ARG B 304 10.65 8.71 12.92
C ARG B 304 11.15 10.12 12.64
N ALA B 305 12.43 10.35 12.92
CA ALA B 305 12.99 11.67 12.76
C ALA B 305 13.12 12.04 11.28
N ILE B 306 13.40 11.06 10.42
CA ILE B 306 13.40 11.30 8.98
C ILE B 306 11.98 11.74 8.60
N ALA B 307 11.01 10.89 8.97
CA ALA B 307 9.61 11.14 8.75
C ALA B 307 9.21 12.55 9.15
N GLU B 308 9.43 12.92 10.41
CA GLU B 308 9.00 14.24 10.88
C GLU B 308 9.80 15.39 10.20
N THR B 309 11.10 15.21 9.98
CA THR B 309 11.88 16.20 9.22
C THR B 309 11.22 16.41 7.86
N LEU B 310 10.78 15.32 7.24
CA LEU B 310 10.13 15.40 5.95
C LEU B 310 8.77 16.05 6.04
N ARG B 311 8.01 15.75 7.08
CA ARG B 311 6.75 16.42 7.29
C ARG B 311 7.02 17.91 7.44
N TYR B 312 7.90 18.24 8.40
CA TYR B 312 8.14 19.63 8.82
C TYR B 312 8.66 20.51 7.70
N LYS B 313 9.80 20.12 7.13
CA LYS B 313 10.40 20.87 6.06
C LYS B 313 10.66 19.93 4.88
N PRO B 314 9.66 19.72 4.00
CA PRO B 314 9.86 18.83 2.86
C PRO B 314 10.86 19.40 1.84
N PRO B 315 11.85 18.58 1.42
CA PRO B 315 12.84 19.07 0.46
C PRO B 315 12.21 19.50 -0.85
N VAL B 316 11.25 18.73 -1.38
CA VAL B 316 10.50 19.17 -2.56
C VAL B 316 9.27 19.99 -2.16
N GLN B 317 9.37 21.29 -2.37
CA GLN B 317 8.36 22.21 -1.94
C GLN B 317 7.22 22.28 -2.95
N LEU B 318 7.56 22.21 -4.23
CA LEU B 318 6.53 22.33 -5.28
C LEU B 318 6.47 21.11 -6.20
N ILE B 319 5.26 20.76 -6.62
CA ILE B 319 5.05 19.74 -7.63
C ILE B 319 4.09 20.31 -8.66
N PRO B 320 4.54 20.44 -9.91
CA PRO B 320 3.68 21.02 -10.92
C PRO B 320 2.92 19.95 -11.67
N ARG B 321 1.61 20.16 -11.86
CA ARG B 321 0.83 19.31 -12.73
C ARG B 321 0.11 20.18 -13.75
N GLN B 322 -0.17 19.64 -14.92
CA GLN B 322 -0.95 20.37 -15.92
C GLN B 322 -2.31 19.69 -16.11
N LEU B 323 -3.37 20.49 -16.19
CA LEU B 323 -4.72 19.95 -16.34
C LEU B 323 -4.88 19.27 -17.68
N SER B 324 -5.37 18.03 -17.64
CA SER B 324 -5.77 17.36 -18.86
C SER B 324 -7.03 18.04 -19.38
N GLN B 325 -8.08 18.06 -18.56
CA GLN B 325 -9.40 18.61 -18.93
C GLN B 325 -9.76 19.86 -18.10
N ASP B 326 -10.95 20.42 -18.34
CA ASP B 326 -11.52 21.45 -17.48
C ASP B 326 -11.94 20.79 -16.18
N THR B 327 -11.65 21.43 -15.04
CA THR B 327 -11.95 20.83 -13.74
C THR B 327 -11.98 21.85 -12.60
N VAL B 328 -12.68 21.48 -11.53
CA VAL B 328 -12.85 22.34 -10.34
C VAL B 328 -11.98 21.84 -9.18
N VAL B 329 -11.15 22.72 -8.64
CA VAL B 329 -10.35 22.40 -7.47
C VAL B 329 -10.46 23.52 -6.44
N GLY B 330 -10.57 23.13 -5.16
CA GLY B 330 -10.99 24.04 -4.11
C GLY B 330 -12.39 24.47 -4.47
N GLY B 331 -12.61 25.78 -4.54
CA GLY B 331 -13.89 26.29 -4.96
C GLY B 331 -13.92 26.57 -6.44
N MET B 332 -12.77 27.01 -6.95
CA MET B 332 -12.67 27.63 -8.28
C MET B 332 -12.56 26.64 -9.45
N GLU B 333 -13.22 26.98 -10.55
CA GLU B 333 -13.03 26.30 -11.84
C GLU B 333 -11.64 26.64 -12.36
N ILE B 334 -11.02 25.71 -13.06
CA ILE B 334 -9.76 26.00 -13.73
C ILE B 334 -9.77 25.48 -15.16
N LYS B 335 -9.34 26.33 -16.09
CA LYS B 335 -9.38 26.03 -17.52
C LYS B 335 -8.38 24.93 -17.91
N LYS B 336 -8.68 24.26 -19.02
CA LYS B 336 -7.85 23.19 -19.57
C LYS B 336 -6.42 23.65 -19.85
N ASP B 337 -5.48 22.73 -19.67
CA ASP B 337 -4.06 22.91 -20.02
C ASP B 337 -3.30 23.95 -19.19
N THR B 338 -3.77 24.20 -17.96
CA THR B 338 -3.07 25.14 -17.07
C THR B 338 -2.41 24.42 -15.90
N ILE B 339 -1.16 24.79 -15.64
CA ILE B 339 -0.37 24.18 -14.57
C ILE B 339 -0.84 24.61 -13.17
N VAL B 340 -0.84 23.68 -12.24
CA VAL B 340 -1.08 24.00 -10.84
C VAL B 340 0.09 23.52 -10.00
N PHE B 341 0.32 24.18 -8.87
CA PHE B 341 1.48 23.89 -8.08
C PHE B 341 1.06 23.35 -6.74
N CYS B 342 1.59 22.19 -6.40
CA CYS B 342 1.28 21.59 -5.14
C CYS B 342 2.23 22.10 -4.06
N MET B 343 1.70 22.96 -3.20
CA MET B 343 2.47 23.52 -2.09
C MET B 343 2.55 22.52 -0.94
N ILE B 344 3.59 21.70 -0.99
CA ILE B 344 3.78 20.59 -0.09
C ILE B 344 4.14 21.07 1.30
N GLY B 345 4.96 22.12 1.37
CA GLY B 345 5.22 22.79 2.63
C GLY B 345 3.89 23.14 3.28
N ALA B 346 3.02 23.79 2.50
CA ALA B 346 1.73 24.26 2.94
C ALA B 346 0.87 23.09 3.36
N ALA B 347 0.75 22.10 2.47
CA ALA B 347 -0.03 20.91 2.76
C ALA B 347 0.37 20.27 4.09
N ASN B 348 1.67 20.04 4.30
CA ASN B 348 2.12 19.35 5.49
C ASN B 348 1.87 20.01 6.82
N ARG B 349 1.67 21.33 6.79
CA ARG B 349 1.47 22.11 8.01
C ARG B 349 0.00 22.46 8.20
N ASP B 350 -0.86 21.85 7.37
CA ASP B 350 -2.30 22.02 7.50
C ASP B 350 -2.79 21.38 8.78
N PRO B 351 -3.40 22.18 9.67
CA PRO B 351 -3.98 21.62 10.89
C PRO B 351 -5.04 20.55 10.60
N GLU B 352 -5.54 20.52 9.37
CA GLU B 352 -6.55 19.55 8.95
C GLU B 352 -5.99 18.13 8.92
N ALA B 353 -4.67 18.03 8.89
CA ALA B 353 -3.99 16.75 8.72
C ALA B 353 -3.15 16.39 9.94
N PHE B 354 -2.58 17.42 10.56
CA PHE B 354 -1.72 17.19 11.69
C PHE B 354 -2.07 18.13 12.81
N GLU B 355 -2.33 17.54 13.97
CA GLU B 355 -2.48 18.27 15.22
C GLU B 355 -1.11 18.84 15.61
N GLN B 356 -1.12 20.10 16.07
CA GLN B 356 0.09 20.85 16.40
C GLN B 356 1.06 20.87 15.22
N PRO B 357 0.59 21.34 14.06
CA PRO B 357 1.36 21.16 12.82
C PRO B 357 2.70 21.90 12.79
N ASP B 358 2.85 22.95 13.57
CA ASP B 358 4.05 23.75 13.46
C ASP B 358 5.09 23.41 14.50
N VAL B 359 4.90 22.31 15.22
CA VAL B 359 5.92 21.83 16.14
C VAL B 359 6.68 20.67 15.49
N PHE B 360 8.00 20.78 15.40
CA PHE B 360 8.82 19.65 15.01
C PHE B 360 8.85 18.65 16.17
N ASN B 361 8.17 17.52 15.97
CA ASN B 361 8.05 16.50 16.98
C ASN B 361 8.24 15.08 16.43
N ILE B 362 9.35 14.45 16.78
CA ILE B 362 9.61 13.09 16.30
C ILE B 362 8.70 12.06 16.95
N HIS B 363 8.20 12.39 18.14
CA HIS B 363 7.39 11.46 18.87
C HIS B 363 5.92 11.52 18.50
N ARG B 364 5.50 12.61 17.84
CA ARG B 364 4.09 12.81 17.49
C ARG B 364 3.42 11.52 16.98
N GLU B 365 2.29 11.19 17.60
CA GLU B 365 1.58 9.94 17.36
C GLU B 365 0.77 9.94 16.09
N ASP B 366 0.53 11.13 15.53
CA ASP B 366 -0.26 11.24 14.32
C ASP B 366 0.63 11.33 13.08
N LEU B 367 1.92 11.05 13.27
CA LEU B 367 2.87 11.02 12.15
C LEU B 367 2.57 9.90 11.19
N GLY B 368 2.09 8.78 11.73
CA GLY B 368 1.81 7.60 10.95
C GLY B 368 3.13 7.10 10.40
N ILE B 369 3.95 6.51 11.27
CA ILE B 369 5.27 6.00 10.93
C ILE B 369 5.20 4.78 10.04
N LYS B 370 4.19 3.94 10.25
CA LYS B 370 4.04 2.65 9.56
C LYS B 370 3.84 2.80 8.06
N SER B 371 3.46 4.00 7.64
CA SER B 371 3.07 4.25 6.28
C SER B 371 4.06 5.22 5.65
N ALA B 372 4.86 5.84 6.49
CA ALA B 372 5.63 7.02 6.13
C ALA B 372 6.58 6.87 4.95
N PHE B 373 6.78 5.64 4.49
CA PHE B 373 7.67 5.40 3.36
C PHE B 373 6.96 4.52 2.38
N SER B 374 5.85 5.05 1.85
CA SER B 374 4.99 4.35 0.90
C SER B 374 4.06 5.34 0.18
N GLY B 375 3.31 4.82 -0.78
CA GLY B 375 2.30 5.61 -1.50
C GLY B 375 1.15 6.11 -0.63
N ALA B 376 1.07 5.58 0.59
CA ALA B 376 -0.02 5.91 1.53
C ALA B 376 0.41 6.75 2.74
N ALA B 377 1.65 7.25 2.72
CA ALA B 377 2.18 8.04 3.83
C ALA B 377 1.37 9.32 4.10
N ARG B 378 1.30 9.72 5.37
CA ARG B 378 0.50 10.88 5.82
C ARG B 378 0.97 12.21 5.27
N HIS B 379 2.26 12.48 5.41
CA HIS B 379 2.90 13.68 4.86
C HIS B 379 3.11 13.45 3.38
N LEU B 380 3.23 14.56 2.65
CA LEU B 380 3.26 14.49 1.21
C LEU B 380 4.65 14.75 0.63
N ALA B 381 5.67 14.43 1.41
CA ALA B 381 7.03 14.77 1.03
C ALA B 381 7.56 13.90 -0.11
N PHE B 382 7.05 12.67 -0.21
CA PHE B 382 7.44 11.80 -1.31
C PHE B 382 6.44 11.89 -2.46
N GLY B 383 5.41 12.74 -2.33
CA GLY B 383 4.26 12.76 -3.24
C GLY B 383 3.14 11.90 -2.67
N SER B 384 2.23 11.42 -3.51
CA SER B 384 1.20 10.48 -3.03
C SER B 384 0.51 9.63 -4.08
N GLY B 385 0.02 8.48 -3.61
CA GLY B 385 -0.68 7.53 -4.45
C GLY B 385 0.25 6.58 -5.18
N ILE B 386 -0.24 6.15 -6.35
CA ILE B 386 0.44 5.16 -7.17
C ILE B 386 1.53 5.83 -8.01
N HIS B 387 1.73 7.12 -7.78
CA HIS B 387 2.70 7.91 -8.53
C HIS B 387 3.48 8.75 -7.51
N ASN B 388 4.17 8.06 -6.60
CA ASN B 388 5.03 8.76 -5.65
C ASN B 388 6.48 8.47 -6.05
N CYS B 389 7.42 8.96 -5.25
CA CYS B 389 8.83 8.64 -5.44
C CYS B 389 9.02 7.14 -5.56
N VAL B 390 9.77 6.75 -6.57
CA VAL B 390 9.98 5.33 -6.85
C VAL B 390 11.05 4.76 -5.93
N GLY B 391 11.85 5.64 -5.32
CA GLY B 391 12.90 5.19 -4.44
C GLY B 391 12.62 5.67 -3.04
N THR B 392 11.37 5.56 -2.60
CA THR B 392 11.03 5.99 -1.25
C THR B 392 11.73 5.06 -0.29
N ALA B 393 11.51 3.77 -0.50
CA ALA B 393 12.12 2.71 0.29
C ALA B 393 13.64 2.88 0.33
N PHE B 394 14.17 3.36 -0.78
CA PHE B 394 15.60 3.56 -0.93
C PHE B 394 16.04 4.82 -0.23
N ALA B 395 15.22 5.85 -0.25
CA ALA B 395 15.58 7.06 0.45
C ALA B 395 15.72 6.79 1.96
N LYS B 396 14.76 6.06 2.55
CA LYS B 396 14.73 5.82 4.01
C LYS B 396 15.97 5.08 4.46
N ASN B 397 16.33 4.03 3.72
CA ASN B 397 17.54 3.26 3.97
C ASN B 397 18.84 4.06 3.86
N GLU B 398 18.98 4.84 2.79
CA GLU B 398 20.16 5.69 2.55
C GLU B 398 20.40 6.72 3.63
N ILE B 399 19.38 7.52 3.87
CA ILE B 399 19.44 8.62 4.81
C ILE B 399 19.61 8.08 6.24
N GLU B 400 19.04 6.92 6.51
CA GLU B 400 19.17 6.30 7.83
C GLU B 400 20.62 5.90 8.11
N ILE B 401 21.26 5.24 7.15
CA ILE B 401 22.67 4.85 7.24
C ILE B 401 23.58 6.02 7.57
N VAL B 402 23.45 7.14 6.85
CA VAL B 402 24.29 8.31 7.10
C VAL B 402 24.11 8.81 8.51
N ALA B 403 22.88 9.16 8.85
CA ALA B 403 22.57 9.75 10.14
C ALA B 403 23.10 8.88 11.27
N ASN B 404 22.96 7.57 11.11
CA ASN B 404 23.54 6.64 12.06
C ASN B 404 25.06 6.82 12.19
N ILE B 405 25.74 6.98 11.06
CA ILE B 405 27.19 7.18 11.01
C ILE B 405 27.60 8.58 11.49
N VAL B 406 26.94 9.60 10.95
CA VAL B 406 27.13 10.97 11.43
C VAL B 406 27.03 11.04 12.96
N LEU B 407 25.98 10.47 13.55
CA LEU B 407 25.85 10.50 14.99
C LEU B 407 26.92 9.63 15.63
N ASP B 408 27.23 8.48 15.00
CA ASP B 408 28.26 7.55 15.49
C ASP B 408 29.56 8.27 15.71
N LYS B 409 29.93 9.09 14.73
CA LYS B 409 31.29 9.56 14.62
C LYS B 409 31.52 10.99 15.04
N MET B 410 30.56 11.87 14.79
CA MET B 410 30.69 13.25 15.28
C MET B 410 30.19 13.33 16.74
N ARG B 411 30.85 12.61 17.64
CA ARG B 411 30.48 12.55 19.05
C ARG B 411 30.50 13.95 19.65
N ASN B 412 29.39 14.34 20.29
CA ASN B 412 29.17 15.69 20.84
C ASN B 412 28.95 16.82 19.81
N ILE B 413 27.95 16.67 18.94
CA ILE B 413 27.65 17.69 17.93
C ILE B 413 26.94 18.93 18.50
N ARG B 414 27.40 20.10 18.08
CA ARG B 414 26.81 21.38 18.44
C ARG B 414 26.67 22.20 17.16
N LEU B 415 25.69 23.10 17.12
CA LEU B 415 25.72 24.16 16.13
C LEU B 415 26.82 25.10 16.57
N GLU B 416 27.60 25.61 15.61
CA GLU B 416 28.73 26.46 15.96
C GLU B 416 28.33 27.90 16.29
N GLU B 417 29.07 28.52 17.20
CA GLU B 417 28.73 29.88 17.64
C GLU B 417 28.48 30.81 16.45
N ASP B 418 27.60 31.80 16.65
CA ASP B 418 27.19 32.74 15.59
C ASP B 418 26.90 32.02 14.26
N PHE B 419 26.37 30.80 14.34
CA PHE B 419 25.85 30.12 13.17
C PHE B 419 24.47 30.66 12.90
N CYS B 420 24.32 31.32 11.76
CA CYS B 420 23.04 31.89 11.40
C CYS B 420 22.34 30.98 10.38
N TYR B 421 21.47 30.11 10.87
CA TYR B 421 20.76 29.15 10.00
C TYR B 421 19.87 29.80 8.94
N ALA B 422 20.10 29.45 7.68
CA ALA B 422 19.31 30.01 6.58
C ALA B 422 18.90 28.94 5.57
N GLU B 423 17.71 29.10 4.98
CA GLU B 423 17.22 28.16 3.98
C GLU B 423 17.03 28.85 2.64
N SER B 424 17.25 28.13 1.54
CA SER B 424 17.24 28.73 0.21
C SER B 424 16.59 27.85 -0.87
N GLY B 425 15.75 28.46 -1.69
CA GLY B 425 15.10 27.77 -2.84
C GLY B 425 13.59 27.80 -2.83
N LEU B 426 12.99 27.67 -4.03
CA LEU B 426 11.52 27.72 -4.19
C LEU B 426 10.82 26.42 -4.66
N TYR B 427 11.48 25.66 -5.55
CA TYR B 427 10.95 24.36 -5.97
C TYR B 427 11.43 23.31 -4.97
N THR B 428 12.72 23.33 -4.64
CA THR B 428 13.25 22.52 -3.56
C THR B 428 14.00 23.41 -2.59
N ARG B 429 13.70 23.26 -1.30
CA ARG B 429 14.29 24.10 -0.28
C ARG B 429 15.11 23.27 0.70
N GLY B 430 16.18 23.86 1.22
CA GLY B 430 17.01 23.24 2.24
C GLY B 430 17.89 24.31 2.86
N PRO B 431 18.75 23.93 3.83
CA PRO B 431 19.62 24.92 4.45
C PRO B 431 20.70 25.40 3.49
N VAL B 432 21.11 26.67 3.62
CA VAL B 432 22.27 27.18 2.85
C VAL B 432 23.54 26.46 3.28
N SER B 433 23.76 26.39 4.59
CA SER B 433 24.85 25.61 5.16
C SER B 433 24.48 25.23 6.57
N LEU B 434 25.11 24.17 7.08
CA LEU B 434 24.90 23.72 8.45
C LEU B 434 26.24 23.46 9.14
N LEU B 435 26.65 24.43 9.95
CA LEU B 435 28.00 24.44 10.52
C LEU B 435 27.98 23.86 11.91
N VAL B 436 28.75 22.79 12.09
CA VAL B 436 28.69 21.98 13.30
C VAL B 436 30.07 21.72 13.87
N ALA B 437 30.14 21.64 15.19
CA ALA B 437 31.36 21.26 15.86
C ALA B 437 31.12 19.98 16.63
N PHE B 438 32.15 19.12 16.68
CA PHE B 438 32.07 17.85 17.38
C PHE B 438 33.42 17.47 17.95
N ASP B 439 33.43 16.51 18.89
CA ASP B 439 34.67 16.00 19.47
C ASP B 439 35.56 15.38 18.38
N GLY B 440 36.80 15.88 18.27
CA GLY B 440 37.71 15.49 17.20
C GLY B 440 38.75 14.49 17.68
CHA HEM C . -13.98 -21.39 -2.32
CHB HEM C . -12.45 -17.16 -0.71
CHC HEM C . -16.75 -15.17 -1.80
CHD HEM C . -18.20 -19.38 -3.68
C1A HEM C . -13.16 -20.43 -1.82
C2A HEM C . -11.80 -20.59 -1.40
C3A HEM C . -11.38 -19.41 -0.94
C4A HEM C . -12.48 -18.48 -1.07
CMA HEM C . -9.98 -19.09 -0.39
CAA HEM C . -10.98 -21.90 -1.43
CBA HEM C . -10.21 -22.10 -2.71
CGA HEM C . -9.99 -23.60 -2.78
O1A HEM C . -10.41 -24.22 -3.80
O2A HEM C . -9.40 -24.18 -1.83
C1B HEM C . -13.48 -16.26 -0.85
C2B HEM C . -13.42 -14.88 -0.46
C3B HEM C . -14.60 -14.30 -0.77
C4B HEM C . -15.45 -15.33 -1.35
CMB HEM C . -12.17 -14.22 0.18
CAB HEM C . -15.01 -12.81 -0.56
CBB HEM C . -15.09 -12.19 0.62
C1C HEM C . -17.50 -16.12 -2.41
C2C HEM C . -18.83 -15.94 -2.96
C3C HEM C . -19.22 -17.10 -3.48
C4C HEM C . -18.16 -18.06 -3.28
CMC HEM C . -19.61 -14.61 -2.92
CAC HEM C . -20.57 -17.43 -4.18
CBC HEM C . -21.16 -16.53 -4.97
C1D HEM C . -17.25 -20.34 -3.44
C2D HEM C . -17.38 -21.76 -3.70
C3D HEM C . -16.05 -22.39 -3.26
C4D HEM C . -15.26 -21.26 -2.79
CMD HEM C . -18.58 -22.53 -4.30
CAD HEM C . -15.62 -23.89 -3.34
CBD HEM C . -15.33 -24.50 -1.97
CGD HEM C . -16.36 -25.58 -1.69
O1D HEM C . -16.29 -26.65 -2.36
O2D HEM C . -17.27 -25.40 -0.81
NA HEM C . -13.55 -19.14 -1.62
NB HEM C . -14.74 -16.52 -1.39
NC HEM C . -17.12 -17.44 -2.63
ND HEM C . -16.00 -20.09 -2.90
FE HEM C . -15.28 -18.39 -2.17
N1 PIY D . -15.38 -20.48 2.29
C2 PIY D . -15.04 -21.54 3.05
N3 PIY D . -14.23 -22.35 2.35
C4 PIY D . -14.75 -20.61 1.10
C5 PIY D . -14.03 -21.78 1.14
C6 PIY D . -15.51 -21.79 4.44
C7 PIY D . -16.65 -21.13 4.93
C8 PIY D . -17.09 -21.38 6.23
C9 PIY D . -16.39 -22.27 7.05
C10 PIY D . -15.25 -22.92 6.57
C11 PIY D . -14.82 -22.68 5.27
MG MG E . -23.19 -12.83 0.79
CHA HEM F . 9.91 11.58 -7.78
CHB HEM F . 10.55 12.97 -3.23
CHC HEM F . 14.66 10.43 -2.98
CHD HEM F . 13.78 8.66 -7.35
C1A HEM F . 9.73 12.21 -6.58
C2A HEM F . 8.72 13.19 -6.26
C3A HEM F . 8.90 13.56 -5.00
C4A HEM F . 10.03 12.85 -4.49
CMA HEM F . 8.06 14.59 -4.23
CAA HEM F . 7.63 13.72 -7.20
CBA HEM F . 6.46 12.76 -7.14
CGA HEM F . 5.44 13.26 -8.14
O1A HEM F . 4.53 14.04 -7.71
O2A HEM F . 5.55 12.89 -9.34
C1B HEM F . 11.75 12.46 -2.78
C2B HEM F . 12.38 12.76 -1.50
C3B HEM F . 13.51 12.06 -1.44
C4B HEM F . 13.63 11.29 -2.66
CMB HEM F . 11.87 13.72 -0.39
CAB HEM F . 14.52 12.07 -0.28
CBB HEM F . 14.17 11.68 0.96
C1C HEM F . 14.70 9.64 -4.10
C2C HEM F . 15.56 8.51 -4.32
C3C HEM F . 15.31 8.03 -5.52
C4C HEM F . 14.29 8.84 -6.10
CMC HEM F . 16.59 7.98 -3.30
CAC HEM F . 15.96 6.83 -6.22
CBC HEM F . 16.72 5.99 -5.54
C1D HEM F . 12.74 9.36 -7.91
C2D HEM F . 12.39 9.28 -9.30
C3D HEM F . 11.18 10.19 -9.43
C4D HEM F . 10.94 10.74 -8.11
CMD HEM F . 13.10 8.44 -10.39
CAD HEM F . 10.37 10.51 -10.72
CBD HEM F . 10.90 11.87 -11.23
CGD HEM F . 10.14 12.34 -12.44
O1D HEM F . 9.30 13.27 -12.28
O2D HEM F . 10.39 11.78 -13.54
NA HEM F . 10.52 12.02 -5.48
NB HEM F . 12.53 11.56 -3.47
NC HEM F . 13.92 9.82 -5.22
ND HEM F . 11.88 10.22 -7.24
FE HEM F . 12.04 10.78 -5.32
N1 PIY G . 11.31 16.92 -8.11
C2 PIY G . 12.64 16.84 -7.88
N3 PIY G . 12.89 15.68 -7.21
C4 PIY G . 10.72 15.82 -7.59
C5 PIY G . 11.71 15.04 -7.03
C6 PIY G . 13.67 17.84 -8.30
C7 PIY G . 13.30 19.12 -8.70
C8 PIY G . 14.27 20.03 -9.09
C9 PIY G . 15.63 19.69 -9.10
C10 PIY G . 16.00 18.41 -8.71
C11 PIY G . 15.03 17.48 -8.32
MG MG H . 21.55 10.41 -2.93
#